data_5GLM
#
_entry.id   5GLM
#
_cell.length_a   74.774
_cell.length_b   61.647
_cell.length_c   79.006
_cell.angle_alpha   90.00
_cell.angle_beta   95.77
_cell.angle_gamma   90.00
#
_symmetry.space_group_name_H-M   'P 1 21 1'
#
loop_
_entity.id
_entity.type
_entity.pdbx_description
1 polymer 'Glycoside hydrolase family 43'
2 branched beta-D-xylopyranose-(1-4)-beta-D-xylopyranose
3 branched beta-D-xylopyranose-(1-4)-beta-D-xylopyranose-(1-4)-beta-D-xylopyranose
4 non-polymer 'SODIUM ION'
5 non-polymer 2-AMINO-2-HYDROXYMETHYL-PROPANE-1,3-DIOL
6 non-polymer 'ACETATE ION'
7 non-polymer 'SUCCINIC ACID'
8 water water
#
_entity_poly.entity_id   1
_entity_poly.type   'polypeptide(L)'
_entity_poly.pdbx_seq_one_letter_code
;MGSSHHHHHHSSGLVPRGSHMEPLVTHIYTADPSAHVFDGKVYIYPSHDIDAGTPENDMGDHFDMRDYHVLSMNSIPGEV
TDHGVALDIKDIPWAGRQLWAPDAASKDGKYYLYFPAKDKEDIFRIGVAVSDSPAGPFKPESEPIKGSYSIDPAVFKDDD
GKYYMYFGGIWGGQLQRWTTGEYAGHDASKTDLEQDDAPAIGPRIALMSDDMLSFAEPVKEISIVDEQGNPILGGDHDRR
FFEAAWMHKYNGTYYLSYSTGDTHYIVYATGDNPYGPFTYRGVILNPVIGWTNHHSIVEFNGKWYLFYHDSSLSGGKTHL
RCIKVTELTHNADGTIETISPYIE
;
_entity_poly.pdbx_strand_id   A,B
#
# COMPACT_ATOMS: atom_id res chain seq x y z
N VAL A 15 8.30 1.83 30.70
CA VAL A 15 8.76 2.95 29.80
C VAL A 15 7.65 3.39 28.83
N PRO A 16 7.62 4.69 28.45
CA PRO A 16 6.59 5.17 27.53
C PRO A 16 6.78 4.69 26.09
N ARG A 17 5.67 4.30 25.45
CA ARG A 17 5.64 3.72 24.11
C ARG A 17 4.56 4.40 23.26
N GLY A 18 4.77 4.42 21.94
CA GLY A 18 3.80 4.94 20.97
C GLY A 18 4.14 6.28 20.32
N SER A 19 5.43 6.63 20.27
CA SER A 19 5.88 7.94 19.78
C SER A 19 6.30 7.98 18.30
N HIS A 20 6.83 6.85 17.79
CA HIS A 20 7.38 6.81 16.42
C HIS A 20 7.05 5.46 15.73
N MET A 21 5.79 5.06 15.82
CA MET A 21 5.29 3.82 15.21
C MET A 21 6.09 2.55 15.62
N GLU A 22 6.62 2.54 16.84
CA GLU A 22 7.31 1.36 17.37
C GLU A 22 6.28 0.43 18.00
N PRO A 23 6.64 -0.87 18.18
CA PRO A 23 5.72 -1.78 18.85
C PRO A 23 5.34 -1.30 20.25
N LEU A 24 4.04 -1.32 20.55
CA LEU A 24 3.54 -0.89 21.86
C LEU A 24 3.91 -1.84 22.99
N VAL A 25 3.95 -3.14 22.68
CA VAL A 25 4.47 -4.15 23.61
C VAL A 25 5.35 -5.13 22.84
N THR A 26 6.36 -5.67 23.53
CA THR A 26 7.28 -6.66 22.95
C THR A 26 7.40 -7.97 23.74
N HIS A 27 6.83 -8.04 24.94
CA HIS A 27 6.95 -9.24 25.78
C HIS A 27 6.00 -10.37 25.36
N ILE A 28 4.90 -10.00 24.68
CA ILE A 28 4.01 -10.94 24.01
C ILE A 28 3.73 -10.42 22.60
N TYR A 29 3.31 -11.31 21.72
CA TYR A 29 2.86 -10.91 20.38
C TYR A 29 1.40 -10.51 20.46
N THR A 30 1.04 -9.41 19.79
CA THR A 30 -0.29 -8.83 19.88
C THR A 30 -0.77 -8.43 18.49
N ALA A 31 -2.07 -8.52 18.27
CA ALA A 31 -2.66 -8.23 16.96
C ALA A 31 -4.06 -7.69 17.15
N ASP A 32 -4.60 -7.10 16.10
CA ASP A 32 -6.01 -6.78 15.99
C ASP A 32 -6.46 -5.84 17.10
N PRO A 33 -5.82 -4.66 17.20
CA PRO A 33 -6.11 -3.78 18.31
C PRO A 33 -7.46 -3.06 18.20
N SER A 34 -8.37 -3.37 19.11
CA SER A 34 -9.62 -2.63 19.27
C SER A 34 -9.51 -1.71 20.47
N ALA A 35 -9.44 -0.41 20.21
CA ALA A 35 -9.18 0.59 21.22
C ALA A 35 -10.45 1.33 21.64
N HIS A 36 -10.61 1.52 22.94
CA HIS A 36 -11.73 2.28 23.52
C HIS A 36 -11.22 3.21 24.61
N VAL A 37 -11.94 4.31 24.82
CA VAL A 37 -11.71 5.17 25.98
C VAL A 37 -12.74 4.82 27.05
N PHE A 38 -12.27 4.20 28.12
CA PHE A 38 -13.08 3.87 29.31
C PHE A 38 -12.35 4.47 30.52
N ASP A 39 -13.11 5.12 31.41
CA ASP A 39 -12.53 5.73 32.64
C ASP A 39 -11.32 6.62 32.35
N GLY A 40 -11.39 7.41 31.29
CA GLY A 40 -10.32 8.32 30.92
C GLY A 40 -9.00 7.72 30.47
N LYS A 41 -8.98 6.41 30.23
CA LYS A 41 -7.79 5.70 29.75
C LYS A 41 -8.12 5.03 28.43
N VAL A 42 -7.08 4.74 27.64
CA VAL A 42 -7.25 3.91 26.46
C VAL A 42 -7.10 2.44 26.85
N TYR A 43 -8.16 1.66 26.64
CA TYR A 43 -8.11 0.20 26.77
C TYR A 43 -8.08 -0.42 25.39
N ILE A 44 -7.19 -1.40 25.21
CA ILE A 44 -7.00 -2.06 23.93
C ILE A 44 -7.30 -3.53 24.12
N TYR A 45 -8.12 -4.07 23.23
CA TYR A 45 -8.56 -5.47 23.26
C TYR A 45 -8.01 -6.13 21.99
N PRO A 46 -6.80 -6.72 22.09
CA PRO A 46 -6.15 -7.35 20.96
C PRO A 46 -6.19 -8.87 21.04
N SER A 47 -5.87 -9.51 19.93
CA SER A 47 -5.58 -10.94 19.92
C SER A 47 -4.20 -11.16 20.53
N HIS A 48 -4.02 -12.30 21.18
CA HIS A 48 -2.73 -12.68 21.72
C HIS A 48 -2.15 -13.79 20.85
N ASP A 49 -1.26 -13.41 19.95
CA ASP A 49 -0.63 -14.36 19.04
C ASP A 49 0.35 -15.24 19.79
N ILE A 50 0.40 -16.50 19.39
CA ILE A 50 1.37 -17.46 19.93
C ILE A 50 1.95 -18.29 18.81
N ASP A 51 3.19 -18.71 18.97
CA ASP A 51 3.85 -19.49 17.92
C ASP A 51 3.48 -20.96 18.10
N ALA A 52 2.25 -21.28 17.71
CA ALA A 52 1.70 -22.61 17.87
C ALA A 52 2.35 -23.64 16.95
N GLY A 53 2.88 -23.19 15.80
CA GLY A 53 3.47 -24.10 14.81
C GLY A 53 2.44 -24.95 14.07
N THR A 54 1.19 -24.50 14.07
CA THR A 54 0.06 -25.22 13.46
C THR A 54 0.14 -25.05 11.94
N PRO A 55 -0.47 -25.99 11.16
CA PRO A 55 -0.36 -25.83 9.71
C PRO A 55 -0.88 -24.49 9.17
N GLU A 56 -0.13 -23.91 8.23
CA GLU A 56 -0.47 -22.66 7.58
C GLU A 56 -1.29 -22.92 6.33
N ASN A 57 -2.44 -22.26 6.21
CA ASN A 57 -3.30 -22.41 5.05
C ASN A 57 -4.26 -21.23 4.90
N ASP A 58 -5.01 -21.23 3.81
CA ASP A 58 -5.92 -20.13 3.51
C ASP A 58 -7.17 -20.07 4.41
N MET A 59 -7.38 -21.07 5.26
CA MET A 59 -8.45 -20.99 6.27
C MET A 59 -7.93 -20.46 7.61
N GLY A 60 -6.63 -20.17 7.71
CA GLY A 60 -6.06 -19.51 8.87
C GLY A 60 -5.84 -20.42 10.07
N ASP A 61 -5.60 -21.70 9.85
CA ASP A 61 -5.38 -22.62 10.99
C ASP A 61 -4.12 -22.26 11.80
N HIS A 62 -3.18 -21.61 11.13
CA HIS A 62 -1.98 -21.03 11.79
C HIS A 62 -2.22 -19.90 12.79
N PHE A 63 -3.41 -19.28 12.79
CA PHE A 63 -3.82 -18.36 13.84
C PHE A 63 -4.52 -19.18 14.91
N ASP A 64 -3.76 -19.65 15.91
CA ASP A 64 -4.26 -20.62 16.88
C ASP A 64 -4.25 -20.05 18.29
N MET A 65 -4.76 -18.83 18.44
CA MET A 65 -4.70 -18.11 19.70
C MET A 65 -5.65 -18.74 20.73
N ARG A 66 -5.28 -18.61 22.00
CA ARG A 66 -5.95 -19.31 23.10
C ARG A 66 -6.45 -18.44 24.26
N ASP A 67 -6.02 -17.17 24.32
CA ASP A 67 -6.47 -16.28 25.39
C ASP A 67 -6.41 -14.83 24.96
N TYR A 68 -6.92 -13.94 25.81
CA TYR A 68 -6.82 -12.49 25.61
C TYR A 68 -6.17 -11.84 26.82
N HIS A 69 -5.30 -10.88 26.55
CA HIS A 69 -4.78 -9.92 27.53
C HIS A 69 -5.32 -8.54 27.19
N VAL A 70 -5.90 -7.84 28.17
CA VAL A 70 -6.30 -6.45 27.97
C VAL A 70 -5.09 -5.56 28.23
N LEU A 71 -4.89 -4.56 27.36
CA LEU A 71 -3.82 -3.56 27.54
C LEU A 71 -4.44 -2.21 27.85
N SER A 72 -3.71 -1.36 28.57
CA SER A 72 -4.20 0.01 28.77
C SER A 72 -3.08 1.04 28.75
N MET A 73 -3.44 2.26 28.36
CA MET A 73 -2.54 3.40 28.32
C MET A 73 -3.26 4.59 28.93
N ASN A 74 -2.54 5.35 29.76
CA ASN A 74 -3.08 6.60 30.35
C ASN A 74 -2.85 7.81 29.44
N SER A 75 -1.84 7.70 28.57
CA SER A 75 -1.51 8.71 27.58
C SER A 75 -0.93 8.05 26.34
N ILE A 76 -0.91 8.78 25.22
CA ILE A 76 -0.25 8.34 23.98
C ILE A 76 0.73 9.45 23.55
N PRO A 77 2.05 9.20 23.57
CA PRO A 77 2.73 7.99 24.04
C PRO A 77 2.55 7.78 25.54
N GLY A 78 2.75 6.54 25.99
CA GLY A 78 2.63 6.23 27.40
C GLY A 78 2.97 4.79 27.72
N GLU A 79 3.19 4.53 29.02
CA GLU A 79 3.41 3.18 29.52
C GLU A 79 2.19 2.32 29.19
N VAL A 80 2.43 1.11 28.70
CA VAL A 80 1.36 0.17 28.37
C VAL A 80 1.29 -0.91 29.46
N THR A 81 0.13 -1.03 30.11
CA THR A 81 -0.10 -2.01 31.16
C THR A 81 -0.75 -3.26 30.56
N ASP A 82 -0.14 -4.41 30.81
CA ASP A 82 -0.68 -5.72 30.46
C ASP A 82 -1.40 -6.22 31.71
N HIS A 83 -2.72 -6.35 31.62
CA HIS A 83 -3.54 -6.72 32.78
C HIS A 83 -3.64 -8.24 33.05
N GLY A 84 -2.87 -9.04 32.32
CA GLY A 84 -2.82 -10.49 32.52
C GLY A 84 -3.83 -11.16 31.61
N VAL A 85 -4.16 -12.42 31.90
CA VAL A 85 -5.15 -13.14 31.11
C VAL A 85 -6.57 -12.72 31.51
N ALA A 86 -7.29 -12.10 30.58
CA ALA A 86 -8.67 -11.66 30.81
C ALA A 86 -9.70 -12.74 30.51
N LEU A 87 -9.35 -13.65 29.60
CA LEU A 87 -10.22 -14.76 29.23
C LEU A 87 -9.37 -15.84 28.58
N ASP A 88 -9.63 -17.09 28.94
CA ASP A 88 -8.87 -18.24 28.46
C ASP A 88 -9.85 -19.19 27.78
N ILE A 89 -9.50 -19.68 26.60
CA ILE A 89 -10.42 -20.54 25.82
C ILE A 89 -10.85 -21.79 26.61
N LYS A 90 -9.99 -22.31 27.49
CA LYS A 90 -10.32 -23.48 28.31
C LYS A 90 -11.53 -23.25 29.23
N ASP A 91 -11.82 -21.99 29.54
CA ASP A 91 -12.96 -21.61 30.38
C ASP A 91 -14.23 -21.19 29.62
N ILE A 92 -14.18 -21.22 28.29
CA ILE A 92 -15.35 -20.89 27.46
C ILE A 92 -15.99 -22.23 27.09
N PRO A 93 -17.15 -22.56 27.69
CA PRO A 93 -17.71 -23.91 27.56
C PRO A 93 -18.00 -24.35 26.12
N TRP A 94 -18.53 -23.43 25.32
CA TRP A 94 -18.91 -23.72 23.94
C TRP A 94 -17.77 -23.74 22.92
N ALA A 95 -16.63 -23.15 23.26
CA ALA A 95 -15.56 -22.90 22.28
C ALA A 95 -14.53 -24.01 22.26
N GLY A 96 -14.14 -24.43 21.06
CA GLY A 96 -13.13 -25.48 20.90
C GLY A 96 -11.74 -24.95 20.57
N ARG A 97 -11.66 -24.01 19.64
CA ARG A 97 -10.38 -23.43 19.25
C ARG A 97 -10.50 -22.05 18.62
N GLN A 98 -9.35 -21.38 18.53
CA GLN A 98 -9.14 -20.15 17.77
C GLN A 98 -9.89 -18.91 18.30
N LEU A 99 -9.32 -18.33 19.35
CA LEU A 99 -9.83 -17.09 19.92
C LEU A 99 -9.32 -15.93 19.09
N TRP A 100 -10.15 -15.48 18.16
CA TRP A 100 -9.74 -14.48 17.18
C TRP A 100 -10.12 -13.06 17.66
N ALA A 101 -10.11 -12.06 16.78
CA ALA A 101 -10.08 -10.66 17.23
C ALA A 101 -11.30 -10.27 18.08
N PRO A 102 -11.08 -9.76 19.31
CA PRO A 102 -12.19 -9.39 20.19
C PRO A 102 -12.54 -7.90 20.17
N ASP A 103 -13.65 -7.54 20.80
CA ASP A 103 -13.95 -6.13 21.08
C ASP A 103 -14.66 -6.03 22.42
N ALA A 104 -14.74 -4.82 22.96
CA ALA A 104 -15.39 -4.57 24.23
C ALA A 104 -16.37 -3.42 24.16
N ALA A 105 -17.33 -3.44 25.08
CA ALA A 105 -18.29 -2.35 25.24
C ALA A 105 -18.58 -2.12 26.71
N SER A 106 -19.06 -0.93 27.03
CA SER A 106 -19.34 -0.52 28.40
C SER A 106 -20.79 -0.07 28.43
N LYS A 107 -21.57 -0.60 29.38
CA LYS A 107 -22.94 -0.14 29.60
C LYS A 107 -23.33 -0.31 31.06
N ASP A 108 -23.81 0.77 31.69
CA ASP A 108 -24.37 0.75 33.04
C ASP A 108 -23.43 0.11 34.07
N GLY A 109 -22.15 0.46 33.99
CA GLY A 109 -21.12 -0.05 34.92
C GLY A 109 -20.64 -1.48 34.72
N LYS A 110 -21.10 -2.15 33.66
CA LYS A 110 -20.60 -3.46 33.30
C LYS A 110 -19.81 -3.35 32.00
N TYR A 111 -18.88 -4.28 31.83
CA TYR A 111 -18.05 -4.34 30.63
C TYR A 111 -18.26 -5.69 29.97
N TYR A 112 -18.38 -5.67 28.64
CA TYR A 112 -18.73 -6.84 27.85
C TYR A 112 -17.63 -7.07 26.82
N LEU A 113 -17.04 -8.26 26.84
CA LEU A 113 -16.03 -8.65 25.87
C LEU A 113 -16.69 -9.55 24.83
N TYR A 114 -16.63 -9.16 23.56
CA TYR A 114 -17.21 -9.93 22.46
C TYR A 114 -16.08 -10.60 21.70
N PHE A 115 -16.24 -11.89 21.43
CA PHE A 115 -15.14 -12.65 20.88
C PHE A 115 -15.62 -13.72 19.91
N PRO A 116 -14.91 -13.89 18.79
CA PRO A 116 -15.15 -14.97 17.86
C PRO A 116 -14.31 -16.19 18.19
N ALA A 117 -14.91 -17.37 18.10
CA ALA A 117 -14.19 -18.64 18.28
C ALA A 117 -14.94 -19.76 17.59
N LYS A 118 -14.24 -20.84 17.31
CA LYS A 118 -14.87 -22.00 16.69
C LYS A 118 -15.58 -22.80 17.77
N ASP A 119 -16.85 -23.13 17.51
CA ASP A 119 -17.59 -24.05 18.37
C ASP A 119 -17.10 -25.49 18.12
N LYS A 120 -17.73 -26.46 18.77
CA LYS A 120 -17.28 -27.85 18.66
C LYS A 120 -17.54 -28.49 17.29
N GLU A 121 -18.40 -27.89 16.48
CA GLU A 121 -18.62 -28.30 15.09
C GLU A 121 -17.73 -27.54 14.08
N ASP A 122 -16.73 -26.79 14.57
CA ASP A 122 -15.79 -26.04 13.74
C ASP A 122 -16.44 -24.87 13.02
N ILE A 123 -17.50 -24.32 13.60
CA ILE A 123 -18.22 -23.18 13.04
C ILE A 123 -17.92 -21.97 13.93
N PHE A 124 -17.42 -20.90 13.32
CA PHE A 124 -17.17 -19.65 14.05
C PHE A 124 -18.49 -19.09 14.56
N ARG A 125 -18.51 -18.72 15.84
CA ARG A 125 -19.62 -18.02 16.47
C ARG A 125 -19.04 -16.88 17.28
N ILE A 126 -19.90 -15.97 17.74
CA ILE A 126 -19.47 -14.85 18.56
C ILE A 126 -20.14 -14.93 19.92
N GLY A 127 -19.32 -14.93 20.97
CA GLY A 127 -19.79 -15.01 22.36
C GLY A 127 -19.51 -13.72 23.10
N VAL A 128 -20.08 -13.62 24.30
CA VAL A 128 -19.85 -12.48 25.18
C VAL A 128 -19.37 -12.99 26.54
N ALA A 129 -18.52 -12.19 27.17
CA ALA A 129 -18.06 -12.43 28.53
C ALA A 129 -18.19 -11.11 29.29
N VAL A 130 -18.46 -11.19 30.58
CA VAL A 130 -18.90 -10.03 31.36
C VAL A 130 -17.96 -9.75 32.54
N SER A 131 -17.70 -8.47 32.79
CA SER A 131 -16.90 -8.04 33.94
C SER A 131 -17.41 -6.74 34.53
N ASP A 132 -16.95 -6.44 35.74
CA ASP A 132 -17.18 -5.15 36.39
C ASP A 132 -16.05 -4.13 36.11
N SER A 133 -15.01 -4.56 35.39
CA SER A 133 -13.88 -3.70 35.08
C SER A 133 -13.53 -3.74 33.59
N PRO A 134 -13.11 -2.59 33.01
CA PRO A 134 -12.63 -2.62 31.62
C PRO A 134 -11.38 -3.50 31.41
N ALA A 135 -10.61 -3.74 32.48
CA ALA A 135 -9.42 -4.59 32.42
C ALA A 135 -9.72 -6.07 32.61
N GLY A 136 -10.97 -6.44 32.85
CA GLY A 136 -11.33 -7.83 33.11
C GLY A 136 -10.88 -8.25 34.51
N PRO A 137 -10.81 -9.56 34.77
CA PRO A 137 -11.12 -10.65 33.85
C PRO A 137 -12.62 -10.77 33.59
N PHE A 138 -12.98 -11.55 32.58
CA PHE A 138 -14.36 -11.66 32.12
C PHE A 138 -14.89 -13.08 32.26
N LYS A 139 -16.15 -13.21 32.68
CA LYS A 139 -16.83 -14.51 32.77
C LYS A 139 -17.64 -14.75 31.50
N PRO A 140 -17.27 -15.78 30.70
CA PRO A 140 -18.02 -16.05 29.48
C PRO A 140 -19.40 -16.62 29.74
N GLU A 141 -20.36 -16.22 28.91
CA GLU A 141 -21.65 -16.88 28.86
C GLU A 141 -21.43 -18.31 28.33
N SER A 142 -22.30 -19.23 28.72
CA SER A 142 -22.08 -20.65 28.42
C SER A 142 -22.30 -21.02 26.95
N GLU A 143 -23.10 -20.23 26.24
CA GLU A 143 -23.36 -20.42 24.81
C GLU A 143 -23.03 -19.13 24.06
N PRO A 144 -22.74 -19.23 22.75
CA PRO A 144 -22.53 -18.01 21.96
C PRO A 144 -23.82 -17.23 21.75
N ILE A 145 -23.70 -16.03 21.20
CA ILE A 145 -24.86 -15.18 20.94
C ILE A 145 -25.75 -15.88 19.92
N LYS A 146 -27.05 -15.99 20.22
CA LYS A 146 -27.98 -16.66 19.30
C LYS A 146 -28.06 -15.85 18.01
N GLY A 147 -27.91 -16.54 16.89
CA GLY A 147 -27.93 -15.89 15.58
C GLY A 147 -26.61 -15.29 15.12
N SER A 148 -25.55 -15.40 15.94
CA SER A 148 -24.22 -14.97 15.53
C SER A 148 -23.52 -16.04 14.72
N TYR A 149 -22.54 -15.60 13.94
CA TYR A 149 -21.72 -16.47 13.12
C TYR A 149 -20.55 -15.64 12.63
N SER A 150 -19.57 -16.31 12.03
CA SER A 150 -18.38 -15.68 11.50
C SER A 150 -17.60 -14.93 12.61
N ILE A 151 -16.89 -13.86 12.25
CA ILE A 151 -15.80 -13.38 13.10
C ILE A 151 -15.81 -11.85 13.30
N ASP A 152 -14.78 -11.35 13.97
CA ASP A 152 -14.45 -9.92 14.01
C ASP A 152 -15.57 -8.97 14.45
N PRO A 153 -16.14 -9.20 15.64
CA PRO A 153 -17.13 -8.25 16.13
C PRO A 153 -16.53 -6.86 16.41
N ALA A 154 -17.32 -5.82 16.10
CA ALA A 154 -17.04 -4.47 16.56
C ALA A 154 -18.34 -3.96 17.11
N VAL A 155 -18.37 -3.68 18.42
CA VAL A 155 -19.56 -3.17 19.07
C VAL A 155 -19.44 -1.66 19.26
N PHE A 156 -20.32 -0.95 18.57
CA PHE A 156 -20.27 0.49 18.42
C PHE A 156 -21.40 1.11 19.22
N LYS A 157 -21.08 2.03 20.11
CA LYS A 157 -22.09 2.81 20.83
C LYS A 157 -22.31 4.12 20.10
N ASP A 158 -23.52 4.29 19.57
CA ASP A 158 -23.89 5.52 18.87
C ASP A 158 -24.23 6.60 19.91
N ASP A 159 -24.28 7.85 19.45
CA ASP A 159 -24.53 9.01 20.34
C ASP A 159 -25.89 8.96 21.02
N ASP A 160 -26.86 8.30 20.40
CA ASP A 160 -28.20 8.12 20.97
C ASP A 160 -28.30 7.00 22.03
N GLY A 161 -27.19 6.34 22.34
CA GLY A 161 -27.15 5.28 23.35
C GLY A 161 -27.46 3.88 22.85
N LYS A 162 -27.73 3.74 21.55
CA LYS A 162 -27.94 2.43 20.94
C LYS A 162 -26.59 1.81 20.61
N TYR A 163 -26.49 0.50 20.83
CA TYR A 163 -25.27 -0.26 20.57
C TYR A 163 -25.51 -1.23 19.42
N TYR A 164 -24.54 -1.32 18.51
CA TYR A 164 -24.66 -2.17 17.32
C TYR A 164 -23.43 -3.04 17.22
N MET A 165 -23.61 -4.31 16.89
CA MET A 165 -22.48 -5.17 16.55
C MET A 165 -22.34 -5.24 15.04
N TYR A 166 -21.18 -4.82 14.55
CA TYR A 166 -20.73 -5.08 13.19
C TYR A 166 -19.91 -6.35 13.22
N PHE A 167 -20.05 -7.24 12.24
CA PHE A 167 -19.25 -8.47 12.24
C PHE A 167 -19.14 -9.13 10.88
N GLY A 168 -18.21 -10.07 10.81
CA GLY A 168 -18.01 -10.88 9.62
C GLY A 168 -16.58 -10.93 9.11
N GLY A 169 -16.27 -12.02 8.45
CA GLY A 169 -15.02 -12.19 7.72
C GLY A 169 -15.19 -13.31 6.73
N ILE A 170 -14.71 -13.10 5.50
CA ILE A 170 -14.78 -14.14 4.45
C ILE A 170 -13.55 -15.05 4.52
N TRP A 171 -13.46 -15.97 3.56
CA TRP A 171 -12.41 -17.00 3.55
C TRP A 171 -12.46 -17.81 4.87
N GLY A 172 -11.40 -17.76 5.68
CA GLY A 172 -11.36 -18.53 6.93
C GLY A 172 -12.39 -18.09 7.96
N GLY A 173 -12.87 -16.85 7.82
CA GLY A 173 -13.92 -16.33 8.68
C GLY A 173 -15.31 -16.89 8.42
N GLN A 174 -15.50 -17.61 7.31
CA GLN A 174 -16.72 -18.39 7.00
C GLN A 174 -17.97 -17.60 6.63
N LEU A 175 -17.88 -16.28 6.49
CA LEU A 175 -19.09 -15.48 6.21
C LEU A 175 -19.82 -15.92 4.93
N GLN A 176 -19.03 -16.30 3.93
CA GLN A 176 -19.56 -16.82 2.66
C GLN A 176 -20.42 -18.10 2.78
N ARG A 177 -20.31 -18.79 3.92
CA ARG A 177 -21.12 -19.98 4.21
C ARG A 177 -22.45 -19.68 4.94
N TRP A 178 -22.81 -18.39 5.06
CA TRP A 178 -24.00 -17.94 5.78
C TRP A 178 -24.82 -16.97 4.93
N THR A 179 -25.49 -17.51 3.92
CA THR A 179 -26.39 -16.74 3.06
C THR A 179 -27.88 -17.09 3.26
N THR A 180 -28.15 -18.23 3.91
CA THR A 180 -29.50 -18.77 4.05
C THR A 180 -29.99 -18.80 5.51
N GLY A 181 -29.17 -18.34 6.45
CA GLY A 181 -29.44 -18.52 7.88
C GLY A 181 -29.09 -19.90 8.41
N GLU A 182 -28.43 -20.71 7.59
CA GLU A 182 -27.85 -22.00 8.01
C GLU A 182 -26.44 -22.09 7.47
N TYR A 183 -25.57 -22.76 8.22
CA TYR A 183 -24.20 -22.97 7.79
C TYR A 183 -24.18 -23.88 6.55
N ALA A 184 -23.51 -23.42 5.51
CA ALA A 184 -23.48 -24.14 4.23
C ALA A 184 -22.69 -25.45 4.30
N GLY A 185 -21.78 -25.57 5.27
CA GLY A 185 -21.06 -26.82 5.55
C GLY A 185 -19.57 -26.70 5.28
N HIS A 186 -18.78 -27.67 5.75
CA HIS A 186 -17.32 -27.60 5.61
C HIS A 186 -16.79 -27.82 4.19
N ASP A 187 -17.61 -28.37 3.31
CA ASP A 187 -17.28 -28.49 1.88
C ASP A 187 -17.81 -27.32 1.02
N ALA A 188 -18.40 -26.30 1.65
CA ALA A 188 -18.87 -25.10 0.95
C ALA A 188 -17.70 -24.17 0.61
N SER A 189 -18.00 -23.03 -0.01
CA SER A 189 -16.96 -22.12 -0.50
C SER A 189 -15.91 -21.79 0.56
N LYS A 190 -14.65 -21.86 0.17
CA LYS A 190 -13.54 -21.48 1.05
C LYS A 190 -13.17 -20.01 0.91
N THR A 191 -13.85 -19.27 0.02
CA THR A 191 -13.49 -17.87 -0.26
C THR A 191 -14.71 -16.96 -0.17
N ASP A 192 -15.48 -16.84 -1.25
CA ASP A 192 -16.59 -15.88 -1.32
C ASP A 192 -17.77 -16.51 -2.09
N LEU A 193 -18.63 -15.70 -2.70
CA LEU A 193 -19.75 -16.23 -3.49
C LEU A 193 -19.31 -16.89 -4.81
N GLU A 194 -18.06 -16.69 -5.22
CA GLU A 194 -17.54 -17.19 -6.48
C GLU A 194 -18.43 -16.71 -7.63
N GLN A 195 -18.80 -15.43 -7.56
CA GLN A 195 -19.48 -14.74 -8.67
C GLN A 195 -19.00 -13.30 -8.68
N ASP A 196 -17.89 -13.08 -9.39
CA ASP A 196 -17.19 -11.80 -9.35
C ASP A 196 -17.96 -10.62 -9.94
N ASP A 197 -18.97 -10.88 -10.78
CA ASP A 197 -19.81 -9.81 -11.33
C ASP A 197 -21.08 -9.53 -10.52
N ALA A 198 -21.31 -10.29 -9.44
CA ALA A 198 -22.37 -9.99 -8.47
C ALA A 198 -21.80 -9.06 -7.39
N PRO A 199 -22.69 -8.36 -6.65
CA PRO A 199 -22.20 -7.59 -5.51
C PRO A 199 -21.40 -8.45 -4.54
N ALA A 200 -20.32 -7.88 -3.99
CA ALA A 200 -19.51 -8.58 -3.02
C ALA A 200 -20.33 -8.79 -1.75
N ILE A 201 -19.92 -9.77 -0.96
CA ILE A 201 -20.52 -10.00 0.35
C ILE A 201 -20.24 -8.77 1.22
N GLY A 202 -21.25 -8.34 1.99
CA GLY A 202 -21.12 -7.21 2.88
C GLY A 202 -20.99 -7.68 4.31
N PRO A 203 -20.44 -6.82 5.20
CA PRO A 203 -20.43 -7.17 6.61
C PRO A 203 -21.83 -7.16 7.21
N ARG A 204 -21.94 -7.70 8.41
CA ARG A 204 -23.21 -7.85 9.11
C ARG A 204 -23.36 -6.82 10.23
N ILE A 205 -24.61 -6.50 10.56
CA ILE A 205 -24.93 -5.60 11.67
C ILE A 205 -26.18 -6.09 12.39
N ALA A 206 -26.18 -5.94 13.72
CA ALA A 206 -27.40 -6.08 14.52
C ALA A 206 -27.36 -5.14 15.71
N LEU A 207 -28.48 -4.44 15.93
CA LEU A 207 -28.73 -3.73 17.18
C LEU A 207 -28.64 -4.73 18.33
N MET A 208 -27.95 -4.33 19.39
CA MET A 208 -27.80 -5.16 20.58
C MET A 208 -29.00 -5.00 21.50
N SER A 209 -29.31 -6.07 22.23
CA SER A 209 -30.33 -6.06 23.26
C SER A 209 -29.95 -5.12 24.40
N ASP A 210 -30.93 -4.73 25.19
CA ASP A 210 -30.67 -3.86 26.33
C ASP A 210 -29.62 -4.46 27.29
N ASP A 211 -29.67 -5.77 27.50
CA ASP A 211 -28.74 -6.44 28.43
C ASP A 211 -27.39 -6.81 27.80
N MET A 212 -27.20 -6.50 26.52
CA MET A 212 -25.92 -6.66 25.82
C MET A 212 -25.47 -8.12 25.56
N LEU A 213 -26.36 -9.09 25.79
CA LEU A 213 -26.05 -10.51 25.62
C LEU A 213 -26.63 -11.13 24.35
N SER A 214 -27.45 -10.37 23.61
CA SER A 214 -28.12 -10.92 22.44
C SER A 214 -28.40 -9.81 21.42
N PHE A 215 -28.85 -10.24 20.25
CA PHE A 215 -29.25 -9.30 19.20
C PHE A 215 -30.72 -8.95 19.39
N ALA A 216 -31.04 -7.68 19.13
CA ALA A 216 -32.39 -7.13 19.29
C ALA A 216 -33.23 -7.20 18.01
N GLU A 217 -32.64 -7.67 16.91
CA GLU A 217 -33.30 -7.77 15.60
C GLU A 217 -32.67 -8.88 14.78
N PRO A 218 -33.34 -9.30 13.70
CA PRO A 218 -32.65 -10.16 12.73
C PRO A 218 -31.42 -9.47 12.15
N VAL A 219 -30.36 -10.24 11.96
CA VAL A 219 -29.09 -9.72 11.45
C VAL A 219 -29.32 -9.18 10.04
N LYS A 220 -28.72 -8.03 9.73
CA LYS A 220 -28.82 -7.38 8.42
C LYS A 220 -27.46 -7.39 7.76
N GLU A 221 -27.44 -7.32 6.43
CA GLU A 221 -26.21 -7.15 5.65
C GLU A 221 -26.07 -5.70 5.23
N ILE A 222 -24.84 -5.18 5.30
CA ILE A 222 -24.54 -3.80 4.94
C ILE A 222 -24.17 -3.73 3.46
N SER A 223 -24.78 -2.79 2.74
CA SER A 223 -24.44 -2.54 1.34
C SER A 223 -23.30 -1.54 1.27
N ILE A 224 -22.27 -1.88 0.51
CA ILE A 224 -21.16 -0.97 0.21
C ILE A 224 -21.20 -0.69 -1.29
N VAL A 225 -21.22 0.59 -1.64
CA VAL A 225 -21.31 1.03 -3.02
C VAL A 225 -20.14 1.90 -3.40
N ASP A 226 -19.91 2.01 -4.70
CA ASP A 226 -18.91 2.94 -5.21
C ASP A 226 -19.47 4.38 -5.26
N GLU A 227 -18.66 5.29 -5.77
CA GLU A 227 -18.99 6.71 -5.83
C GLU A 227 -20.21 7.03 -6.73
N GLN A 228 -20.49 6.14 -7.67
CA GLN A 228 -21.68 6.24 -8.54
C GLN A 228 -22.93 5.56 -7.98
N GLY A 229 -22.81 4.93 -6.81
CA GLY A 229 -23.93 4.19 -6.20
C GLY A 229 -24.05 2.74 -6.64
N ASN A 230 -23.08 2.23 -7.39
CA ASN A 230 -23.10 0.84 -7.83
C ASN A 230 -22.51 -0.05 -6.76
N PRO A 231 -23.09 -1.24 -6.52
CA PRO A 231 -22.48 -2.13 -5.53
C PRO A 231 -21.01 -2.46 -5.85
N ILE A 232 -20.18 -2.49 -4.81
CA ILE A 232 -18.82 -3.02 -4.97
C ILE A 232 -18.97 -4.50 -5.30
N LEU A 233 -18.30 -4.93 -6.36
CA LEU A 233 -18.46 -6.28 -6.88
C LEU A 233 -17.49 -7.26 -6.27
N GLY A 234 -17.88 -8.54 -6.30
CA GLY A 234 -17.04 -9.63 -5.81
C GLY A 234 -15.61 -9.66 -6.36
N GLY A 235 -15.45 -9.32 -7.63
CA GLY A 235 -14.11 -9.30 -8.26
C GLY A 235 -13.22 -8.12 -7.91
N ASP A 236 -13.78 -7.10 -7.23
CA ASP A 236 -13.07 -5.87 -6.91
C ASP A 236 -12.37 -6.05 -5.56
N HIS A 237 -11.28 -6.84 -5.56
CA HIS A 237 -10.59 -7.19 -4.30
C HIS A 237 -9.87 -6.02 -3.65
N ASP A 238 -9.55 -4.96 -4.40
CA ASP A 238 -8.97 -3.75 -3.81
C ASP A 238 -9.93 -3.01 -2.89
N ARG A 239 -11.24 -3.16 -3.08
CA ARG A 239 -12.24 -2.39 -2.35
C ARG A 239 -13.26 -3.18 -1.54
N ARG A 240 -13.47 -4.46 -1.87
CA ARG A 240 -14.55 -5.22 -1.25
C ARG A 240 -14.18 -5.70 0.15
N PHE A 241 -15.19 -5.79 1.00
CA PHE A 241 -15.04 -6.24 2.39
C PHE A 241 -14.40 -7.62 2.52
N PHE A 242 -13.38 -7.75 3.36
CA PHE A 242 -12.82 -9.06 3.71
C PHE A 242 -13.04 -9.41 5.18
N GLU A 243 -12.59 -8.54 6.07
CA GLU A 243 -12.71 -8.77 7.52
C GLU A 243 -12.46 -7.45 8.27
N ALA A 244 -12.46 -7.50 9.60
CA ALA A 244 -12.05 -6.37 10.45
C ALA A 244 -12.91 -5.11 10.30
N ALA A 245 -14.23 -5.27 10.29
CA ALA A 245 -15.13 -4.11 10.30
C ALA A 245 -14.92 -3.27 11.54
N TRP A 246 -14.98 -1.95 11.37
CA TRP A 246 -14.93 -0.99 12.47
C TRP A 246 -15.85 0.18 12.12
N MET A 247 -16.51 0.72 13.13
CA MET A 247 -17.40 1.86 12.97
C MET A 247 -16.94 3.00 13.87
N HIS A 248 -16.82 4.18 13.30
CA HIS A 248 -16.68 5.38 14.12
C HIS A 248 -17.45 6.51 13.48
N LYS A 249 -17.69 7.56 14.27
CA LYS A 249 -18.48 8.69 13.82
C LYS A 249 -17.65 9.96 13.89
N TYR A 250 -17.79 10.82 12.88
CA TYR A 250 -17.08 12.11 12.84
C TYR A 250 -17.97 13.14 12.17
N ASN A 251 -18.30 14.21 12.89
CA ASN A 251 -19.06 15.33 12.32
C ASN A 251 -20.38 14.84 11.68
N GLY A 252 -21.08 13.93 12.37
CA GLY A 252 -22.38 13.41 11.94
C GLY A 252 -22.36 12.34 10.85
N THR A 253 -21.18 11.96 10.39
CA THR A 253 -21.03 10.93 9.35
C THR A 253 -20.54 9.64 10.00
N TYR A 254 -21.09 8.53 9.50
CA TYR A 254 -20.72 7.18 9.93
C TYR A 254 -19.65 6.62 9.01
N TYR A 255 -18.57 6.12 9.60
CA TYR A 255 -17.40 5.62 8.88
C TYR A 255 -17.25 4.13 9.09
N LEU A 256 -17.52 3.36 8.05
CA LEU A 256 -17.27 1.92 8.06
C LEU A 256 -15.91 1.70 7.45
N SER A 257 -14.97 1.22 8.27
CA SER A 257 -13.66 0.86 7.79
C SER A 257 -13.44 -0.64 7.97
N TYR A 258 -12.54 -1.19 7.16
CA TYR A 258 -12.35 -2.64 7.10
C TYR A 258 -11.10 -3.03 6.34
N SER A 259 -10.68 -4.27 6.55
CA SER A 259 -9.58 -4.88 5.81
C SER A 259 -10.10 -5.53 4.52
N THR A 260 -9.31 -5.40 3.46
CA THR A 260 -9.59 -6.01 2.15
C THR A 260 -8.86 -7.34 1.96
N GLY A 261 -8.12 -7.79 2.98
CA GLY A 261 -7.61 -9.16 3.00
C GLY A 261 -6.49 -9.44 2.03
N ASP A 262 -6.80 -10.11 0.92
CA ASP A 262 -5.77 -10.50 -0.05
C ASP A 262 -5.12 -9.32 -0.78
N THR A 263 -5.71 -8.12 -0.71
CA THR A 263 -5.09 -6.91 -1.20
C THR A 263 -4.50 -6.00 -0.10
N HIS A 264 -4.70 -6.38 1.16
CA HIS A 264 -3.90 -5.89 2.30
C HIS A 264 -4.11 -4.42 2.69
N TYR A 265 -5.27 -3.84 2.35
CA TYR A 265 -5.59 -2.46 2.70
C TYR A 265 -6.57 -2.39 3.86
N ILE A 266 -6.46 -1.34 4.66
CA ILE A 266 -7.60 -0.85 5.42
C ILE A 266 -8.18 0.27 4.57
N VAL A 267 -9.47 0.17 4.27
CA VAL A 267 -10.18 1.18 3.48
C VAL A 267 -11.36 1.68 4.29
N TYR A 268 -12.01 2.74 3.81
CA TYR A 268 -13.22 3.24 4.47
C TYR A 268 -14.28 3.69 3.50
N ALA A 269 -15.50 3.69 4.03
CA ALA A 269 -16.71 4.07 3.29
C ALA A 269 -17.62 4.84 4.25
N THR A 270 -18.34 5.84 3.75
CA THR A 270 -19.13 6.72 4.60
C THR A 270 -20.63 6.63 4.32
N GLY A 271 -21.41 6.84 5.37
CA GLY A 271 -22.87 6.82 5.29
C GLY A 271 -23.51 7.70 6.33
N ASP A 272 -24.84 7.78 6.30
CA ASP A 272 -25.59 8.70 7.17
C ASP A 272 -26.30 8.03 8.33
N ASN A 273 -26.15 6.71 8.48
CA ASN A 273 -26.76 5.99 9.59
C ASN A 273 -26.02 4.66 9.82
N PRO A 274 -26.25 3.99 10.96
CA PRO A 274 -25.48 2.77 11.26
C PRO A 274 -25.55 1.64 10.21
N TYR A 275 -26.69 1.54 9.52
CA TYR A 275 -26.94 0.43 8.60
C TYR A 275 -26.46 0.69 7.18
N GLY A 276 -26.04 1.91 6.89
CA GLY A 276 -25.61 2.29 5.56
C GLY A 276 -26.81 2.51 4.65
N PRO A 277 -26.62 2.41 3.33
CA PRO A 277 -25.40 1.99 2.63
C PRO A 277 -24.22 2.93 2.84
N PHE A 278 -23.02 2.37 2.63
CA PHE A 278 -21.78 3.12 2.78
C PHE A 278 -21.12 3.27 1.43
N THR A 279 -20.69 4.49 1.12
CA THR A 279 -20.04 4.80 -0.14
C THR A 279 -18.53 4.74 0.03
N TYR A 280 -17.87 3.86 -0.72
CA TYR A 280 -16.41 3.74 -0.70
C TYR A 280 -15.74 5.08 -0.95
N ARG A 281 -14.76 5.44 -0.11
CA ARG A 281 -14.05 6.72 -0.22
C ARG A 281 -12.57 6.58 -0.56
N GLY A 282 -11.87 5.70 0.16
CA GLY A 282 -10.43 5.57 -0.04
C GLY A 282 -9.73 4.70 0.97
N VAL A 283 -8.40 4.76 0.95
CA VAL A 283 -7.55 3.92 1.79
C VAL A 283 -7.25 4.65 3.11
N ILE A 284 -7.36 3.93 4.22
CA ILE A 284 -6.92 4.40 5.54
C ILE A 284 -5.46 4.04 5.76
N LEU A 285 -5.13 2.77 5.54
CA LEU A 285 -3.80 2.26 5.82
C LEU A 285 -3.34 1.34 4.70
N ASN A 286 -2.18 1.66 4.12
CA ASN A 286 -1.57 0.81 3.12
C ASN A 286 -1.00 -0.47 3.72
N PRO A 287 -0.59 -1.42 2.86
CA PRO A 287 -0.16 -2.71 3.39
C PRO A 287 1.06 -2.67 4.31
N VAL A 288 1.03 -3.56 5.30
CA VAL A 288 2.08 -3.62 6.34
C VAL A 288 2.95 -4.83 6.10
N ILE A 289 3.95 -5.00 6.96
CA ILE A 289 4.73 -6.23 7.02
C ILE A 289 3.82 -7.35 7.53
N GLY A 290 3.77 -8.46 6.80
CA GLY A 290 2.86 -9.57 7.12
C GLY A 290 1.54 -9.47 6.39
N TRP A 291 0.89 -10.61 6.20
CA TRP A 291 -0.31 -10.70 5.33
C TRP A 291 -1.49 -9.90 5.86
N THR A 292 -1.75 -9.98 7.15
CA THR A 292 -2.95 -9.39 7.71
C THR A 292 -2.79 -7.88 7.93
N ASN A 293 -3.92 -7.21 7.99
CA ASN A 293 -3.96 -5.78 8.27
C ASN A 293 -5.23 -5.57 9.08
N HIS A 294 -5.11 -5.00 10.29
CA HIS A 294 -6.23 -4.88 11.22
C HIS A 294 -6.05 -3.68 12.11
N HIS A 295 -7.13 -2.96 12.36
CA HIS A 295 -7.04 -1.63 12.92
C HIS A 295 -8.21 -1.29 13.84
N SER A 296 -8.07 -0.15 14.51
CA SER A 296 -9.21 0.57 15.05
C SER A 296 -8.90 2.06 15.06
N ILE A 297 -9.97 2.84 15.11
CA ILE A 297 -9.90 4.30 15.06
C ILE A 297 -10.63 4.85 16.27
N VAL A 298 -9.94 5.68 17.06
CA VAL A 298 -10.46 6.13 18.35
C VAL A 298 -10.02 7.56 18.65
N GLU A 299 -10.92 8.35 19.23
CA GLU A 299 -10.62 9.70 19.69
C GLU A 299 -10.24 9.68 21.17
N PHE A 300 -9.10 10.29 21.49
CA PHE A 300 -8.59 10.36 22.86
C PHE A 300 -7.95 11.72 23.09
N ASN A 301 -8.45 12.43 24.11
CA ASN A 301 -8.02 13.80 24.41
C ASN A 301 -8.08 14.74 23.21
N GLY A 302 -9.11 14.58 22.37
CA GLY A 302 -9.32 15.45 21.22
C GLY A 302 -8.48 15.17 19.99
N LYS A 303 -7.68 14.09 20.02
CA LYS A 303 -6.92 13.64 18.87
C LYS A 303 -7.43 12.27 18.43
N TRP A 304 -7.37 12.01 17.12
CA TRP A 304 -7.78 10.73 16.57
C TRP A 304 -6.55 9.87 16.31
N TYR A 305 -6.68 8.57 16.63
CA TYR A 305 -5.60 7.61 16.54
C TYR A 305 -6.04 6.40 15.72
N LEU A 306 -5.10 5.90 14.94
CA LEU A 306 -5.22 4.62 14.23
C LEU A 306 -4.32 3.64 14.96
N PHE A 307 -4.93 2.68 15.64
CA PHE A 307 -4.22 1.51 16.14
C PHE A 307 -4.20 0.47 15.03
N TYR A 308 -3.06 -0.20 14.86
CA TYR A 308 -2.91 -1.22 13.83
C TYR A 308 -1.86 -2.24 14.26
N HIS A 309 -1.52 -3.18 13.38
CA HIS A 309 -0.44 -4.11 13.68
C HIS A 309 0.44 -4.39 12.48
N ASP A 310 1.57 -5.04 12.75
CA ASP A 310 2.36 -5.65 11.68
C ASP A 310 3.15 -6.84 12.22
N SER A 311 3.92 -7.48 11.35
CA SER A 311 4.74 -8.63 11.73
C SER A 311 6.22 -8.26 11.86
N SER A 312 6.51 -7.02 12.23
CA SER A 312 7.89 -6.52 12.31
C SER A 312 8.70 -7.16 13.43
N LEU A 313 8.10 -7.26 14.61
CA LEU A 313 8.79 -7.81 15.79
C LEU A 313 9.23 -9.27 15.62
N SER A 314 8.44 -10.07 14.91
CA SER A 314 8.76 -11.48 14.66
C SER A 314 9.66 -11.71 13.45
N GLY A 315 10.13 -10.65 12.80
CA GLY A 315 10.90 -10.78 11.57
C GLY A 315 10.08 -11.16 10.35
N GLY A 316 8.78 -10.83 10.37
CA GLY A 316 7.92 -11.02 9.23
C GLY A 316 7.01 -12.24 9.23
N LYS A 317 6.83 -12.89 10.38
CA LYS A 317 5.93 -14.04 10.45
C LYS A 317 4.48 -13.55 10.55
N THR A 318 3.66 -13.94 9.58
CA THR A 318 2.28 -13.43 9.47
C THR A 318 1.45 -13.62 10.75
N HIS A 319 1.64 -14.75 11.45
CA HIS A 319 0.87 -15.08 12.66
C HIS A 319 1.49 -14.62 14.00
N LEU A 320 2.60 -13.88 13.96
CA LEU A 320 3.23 -13.35 15.17
C LEU A 320 3.39 -11.85 15.00
N ARG A 321 2.42 -11.11 15.52
CA ARG A 321 2.28 -9.69 15.20
C ARG A 321 2.58 -8.83 16.42
N CYS A 322 2.66 -7.53 16.19
CA CYS A 322 2.75 -6.53 17.27
C CYS A 322 1.91 -5.33 16.93
N ILE A 323 1.17 -4.82 17.92
CA ILE A 323 0.35 -3.64 17.71
C ILE A 323 1.18 -2.35 17.76
N LYS A 324 0.71 -1.38 16.98
CA LYS A 324 1.32 -0.06 16.86
C LYS A 324 0.21 0.98 16.83
N VAL A 325 0.60 2.24 16.94
CA VAL A 325 -0.37 3.33 16.87
C VAL A 325 0.23 4.54 16.17
N THR A 326 -0.62 5.31 15.50
CA THR A 326 -0.24 6.58 14.90
C THR A 326 -1.43 7.52 14.87
N GLU A 327 -1.15 8.82 14.70
CA GLU A 327 -2.23 9.82 14.62
C GLU A 327 -2.93 9.73 13.27
N LEU A 328 -4.26 9.88 13.30
CA LEU A 328 -5.10 9.85 12.10
C LEU A 328 -5.68 11.23 11.91
N THR A 329 -5.69 11.70 10.66
CA THR A 329 -6.17 13.05 10.32
C THR A 329 -7.43 13.00 9.46
N HIS A 330 -8.54 13.47 10.02
CA HIS A 330 -9.74 13.78 9.24
C HIS A 330 -9.58 15.20 8.71
N ASN A 331 -9.99 15.41 7.47
CA ASN A 331 -10.19 16.76 6.95
C ASN A 331 -11.61 17.16 7.27
N ALA A 332 -11.88 18.47 7.25
CA ALA A 332 -13.20 18.98 7.60
C ALA A 332 -14.30 18.56 6.61
N ASP A 333 -13.90 18.21 5.38
CA ASP A 333 -14.84 17.67 4.39
C ASP A 333 -15.19 16.19 4.60
N GLY A 334 -14.67 15.58 5.67
CA GLY A 334 -14.95 14.20 6.01
C GLY A 334 -13.96 13.18 5.46
N THR A 335 -13.08 13.59 4.56
CA THR A 335 -12.06 12.67 4.04
C THR A 335 -10.98 12.44 5.08
N ILE A 336 -10.33 11.28 4.99
CA ILE A 336 -9.26 10.90 5.91
C ILE A 336 -7.97 10.77 5.09
N GLU A 337 -6.88 11.31 5.63
CA GLU A 337 -5.56 11.20 4.98
CA GLU A 337 -5.56 11.20 4.99
C GLU A 337 -5.06 9.76 5.07
N THR A 338 -4.63 9.21 3.94
CA THR A 338 -4.11 7.84 3.90
C THR A 338 -2.78 7.76 4.64
N ILE A 339 -2.63 6.74 5.48
CA ILE A 339 -1.39 6.48 6.19
C ILE A 339 -0.62 5.38 5.45
N SER A 340 0.67 5.61 5.22
CA SER A 340 1.58 4.59 4.73
C SER A 340 2.49 4.25 5.90
N PRO A 341 2.56 2.97 6.29
CA PRO A 341 3.16 2.61 7.58
C PRO A 341 4.65 2.88 7.78
N TYR A 342 5.46 2.89 6.70
CA TYR A 342 6.93 2.94 6.84
C TYR A 342 7.59 4.11 6.12
N ILE A 343 6.97 5.29 6.19
CA ILE A 343 7.49 6.44 5.44
C ILE A 343 8.19 7.48 6.33
N GLU A 344 7.51 8.00 7.35
CA GLU A 344 8.19 8.91 8.29
C GLU A 344 9.06 8.12 9.28
N HIS B 20 15.12 -13.87 -2.40
CA HIS B 20 13.73 -13.40 -2.07
C HIS B 20 13.75 -12.05 -1.34
N MET B 21 13.94 -11.00 -2.12
CA MET B 21 13.73 -9.61 -1.69
C MET B 21 14.67 -9.11 -0.57
N GLU B 22 15.89 -9.64 -0.55
CA GLU B 22 17.01 -9.01 0.15
C GLU B 22 17.54 -7.91 -0.79
N PRO B 23 18.26 -6.91 -0.25
CA PRO B 23 18.86 -5.93 -1.15
C PRO B 23 19.87 -6.59 -2.10
N LEU B 24 19.83 -6.21 -3.37
CA LEU B 24 20.74 -6.76 -4.38
C LEU B 24 22.18 -6.29 -4.20
N VAL B 25 22.32 -5.08 -3.66
CA VAL B 25 23.59 -4.40 -3.47
C VAL B 25 23.62 -3.90 -2.02
N THR B 26 24.72 -4.16 -1.31
CA THR B 26 24.87 -3.72 0.10
C THR B 26 26.09 -2.84 0.41
N HIS B 27 26.95 -2.60 -0.58
CA HIS B 27 28.20 -1.85 -0.39
C HIS B 27 28.07 -0.36 -0.74
N ILE B 28 27.04 -0.02 -1.51
CA ILE B 28 26.64 1.36 -1.78
C ILE B 28 25.11 1.43 -1.72
N TYR B 29 24.58 2.61 -1.54
CA TYR B 29 23.14 2.83 -1.62
C TYR B 29 22.75 3.01 -3.08
N THR B 30 21.66 2.36 -3.50
CA THR B 30 21.22 2.36 -4.89
C THR B 30 19.71 2.57 -4.96
N ALA B 31 19.25 3.19 -6.05
CA ALA B 31 17.84 3.49 -6.25
C ALA B 31 17.48 3.47 -7.72
N ASP B 32 16.20 3.58 -7.99
CA ASP B 32 15.67 3.79 -9.33
C ASP B 32 16.21 2.79 -10.36
N PRO B 33 16.02 1.48 -10.11
CA PRO B 33 16.62 0.48 -10.98
C PRO B 33 15.94 0.39 -12.35
N SER B 34 16.68 0.71 -13.42
CA SER B 34 16.21 0.51 -14.80
C SER B 34 16.98 -0.67 -15.40
N ALA B 35 16.28 -1.81 -15.55
CA ALA B 35 16.87 -3.08 -15.97
C ALA B 35 16.65 -3.35 -17.46
N HIS B 36 17.71 -3.80 -18.12
CA HIS B 36 17.67 -4.16 -19.54
C HIS B 36 18.42 -5.46 -19.75
N VAL B 37 18.04 -6.20 -20.79
CA VAL B 37 18.80 -7.38 -21.21
C VAL B 37 19.67 -6.97 -22.40
N PHE B 38 20.98 -6.90 -22.19
CA PHE B 38 21.97 -6.61 -23.21
C PHE B 38 23.02 -7.72 -23.19
N ASP B 39 23.43 -8.22 -24.35
CA ASP B 39 24.42 -9.31 -24.46
C ASP B 39 24.07 -10.54 -23.60
N GLY B 40 22.78 -10.86 -23.51
CA GLY B 40 22.29 -11.99 -22.72
C GLY B 40 22.44 -11.90 -21.20
N LYS B 41 22.72 -10.70 -20.67
CA LYS B 41 22.80 -10.46 -19.22
C LYS B 41 21.82 -9.36 -18.86
N VAL B 42 21.46 -9.29 -17.58
CA VAL B 42 20.67 -8.16 -17.07
C VAL B 42 21.61 -7.04 -16.66
N TYR B 43 21.48 -5.88 -17.30
CA TYR B 43 22.20 -4.68 -16.89
C TYR B 43 21.22 -3.75 -16.19
N ILE B 44 21.64 -3.21 -15.06
CA ILE B 44 20.78 -2.33 -14.26
C ILE B 44 21.43 -0.95 -14.20
N TYR B 45 20.64 0.07 -14.47
CA TYR B 45 21.07 1.47 -14.47
C TYR B 45 20.31 2.19 -13.35
N PRO B 46 20.91 2.23 -12.14
CA PRO B 46 20.30 2.86 -10.99
C PRO B 46 20.91 4.20 -10.66
N SER B 47 20.22 4.96 -9.81
CA SER B 47 20.84 6.11 -9.14
C SER B 47 21.79 5.59 -8.07
N HIS B 48 22.86 6.33 -7.81
CA HIS B 48 23.81 6.01 -6.74
C HIS B 48 23.58 7.04 -5.62
N ASP B 49 22.87 6.61 -4.58
CA ASP B 49 22.50 7.49 -3.48
C ASP B 49 23.71 7.77 -2.61
N ILE B 50 23.81 9.02 -2.14
CA ILE B 50 24.85 9.42 -1.21
C ILE B 50 24.25 10.31 -0.13
N ASP B 51 24.88 10.29 1.04
CA ASP B 51 24.40 11.05 2.19
C ASP B 51 25.01 12.45 2.11
N ALA B 52 24.40 13.29 1.29
CA ALA B 52 24.88 14.65 1.06
C ALA B 52 24.57 15.60 2.21
N GLY B 53 23.59 15.26 3.05
CA GLY B 53 23.22 16.08 4.20
C GLY B 53 22.42 17.32 3.87
N THR B 54 21.92 17.42 2.64
CA THR B 54 21.05 18.51 2.20
C THR B 54 19.64 18.23 2.75
N PRO B 55 18.85 19.30 3.00
CA PRO B 55 17.62 19.13 3.78
C PRO B 55 16.47 18.53 2.97
N GLU B 56 15.68 17.65 3.60
CA GLU B 56 14.51 17.07 2.92
C GLU B 56 13.45 18.15 2.72
N ASN B 57 13.06 18.36 1.47
CA ASN B 57 11.99 19.28 1.14
C ASN B 57 11.22 18.82 -0.09
N ASP B 58 10.11 19.50 -0.38
CA ASP B 58 9.23 19.16 -1.49
C ASP B 58 9.88 19.21 -2.86
N MET B 59 10.94 20.00 -3.03
CA MET B 59 11.65 20.09 -4.31
C MET B 59 12.76 19.03 -4.49
N GLY B 60 12.99 18.20 -3.47
CA GLY B 60 13.93 17.07 -3.57
C GLY B 60 15.40 17.41 -3.42
N ASP B 61 15.71 18.46 -2.65
CA ASP B 61 17.13 18.84 -2.44
C ASP B 61 17.95 17.76 -1.72
N HIS B 62 17.29 16.95 -0.91
CA HIS B 62 17.89 15.78 -0.28
C HIS B 62 18.45 14.70 -1.23
N PHE B 63 18.01 14.71 -2.49
CA PHE B 63 18.57 13.83 -3.53
C PHE B 63 19.64 14.59 -4.30
N ASP B 64 20.90 14.43 -3.89
CA ASP B 64 22.02 15.20 -4.45
C ASP B 64 23.09 14.28 -5.06
N MET B 65 22.63 13.30 -5.83
CA MET B 65 23.52 12.29 -6.40
C MET B 65 24.45 12.90 -7.44
N ARG B 66 25.64 12.30 -7.58
CA ARG B 66 26.72 12.84 -8.39
C ARG B 66 27.32 11.90 -9.44
N ASP B 67 26.95 10.62 -9.43
CA ASP B 67 27.47 9.69 -10.44
C ASP B 67 26.54 8.49 -10.61
N TYR B 68 26.86 7.66 -11.61
CA TYR B 68 26.21 6.38 -11.80
C TYR B 68 27.22 5.25 -11.86
N HIS B 69 26.87 4.14 -11.22
CA HIS B 69 27.51 2.83 -11.42
C HIS B 69 26.52 1.95 -12.15
N VAL B 70 26.98 1.24 -13.17
CA VAL B 70 26.16 0.25 -13.85
C VAL B 70 26.37 -1.10 -13.15
N LEU B 71 25.28 -1.85 -12.98
CA LEU B 71 25.32 -3.17 -12.35
C LEU B 71 24.92 -4.22 -13.36
N SER B 72 25.30 -5.47 -13.12
CA SER B 72 24.83 -6.56 -13.97
C SER B 72 24.67 -7.86 -13.21
N MET B 73 23.80 -8.71 -13.76
CA MET B 73 23.53 -10.06 -13.26
C MET B 73 23.47 -11.01 -14.44
N ASN B 74 24.08 -12.19 -14.29
CA ASN B 74 24.01 -13.25 -15.30
C ASN B 74 22.76 -14.13 -15.15
N SER B 75 22.19 -14.13 -13.95
CA SER B 75 20.95 -14.83 -13.65
C SER B 75 20.22 -14.12 -12.54
N ILE B 76 18.91 -14.39 -12.42
CA ILE B 76 18.10 -13.93 -11.29
C ILE B 76 17.49 -15.17 -10.62
N PRO B 77 17.84 -15.43 -9.34
CA PRO B 77 18.83 -14.72 -8.54
C PRO B 77 20.23 -14.97 -9.04
N GLY B 78 21.17 -14.12 -8.62
CA GLY B 78 22.55 -14.24 -9.01
C GLY B 78 23.40 -13.14 -8.41
N GLU B 79 24.72 -13.35 -8.48
CA GLU B 79 25.69 -12.35 -8.03
C GLU B 79 25.50 -11.07 -8.84
N VAL B 80 25.55 -9.94 -8.17
CA VAL B 80 25.41 -8.64 -8.81
C VAL B 80 26.80 -8.02 -8.90
N THR B 81 27.22 -7.68 -10.11
CA THR B 81 28.52 -7.08 -10.34
C THR B 81 28.37 -5.58 -10.46
N ASP B 82 29.21 -4.84 -9.75
CA ASP B 82 29.31 -3.40 -9.83
C ASP B 82 30.46 -3.11 -10.79
N HIS B 83 30.18 -2.40 -11.89
CA HIS B 83 31.20 -2.09 -12.90
C HIS B 83 31.95 -0.78 -12.65
N GLY B 84 31.75 -0.17 -11.49
CA GLY B 84 32.41 1.07 -11.14
C GLY B 84 31.68 2.27 -11.69
N VAL B 85 32.31 3.44 -11.58
CA VAL B 85 31.68 4.68 -12.04
C VAL B 85 31.62 4.69 -13.57
N ALA B 86 30.39 4.80 -14.09
CA ALA B 86 30.14 4.87 -15.53
C ALA B 86 30.07 6.30 -16.05
N LEU B 87 29.68 7.23 -15.17
CA LEU B 87 29.55 8.65 -15.51
C LEU B 87 29.52 9.47 -14.24
N ASP B 88 30.28 10.56 -14.23
CA ASP B 88 30.36 11.48 -13.09
C ASP B 88 29.86 12.85 -13.55
N ILE B 89 29.06 13.50 -12.72
CA ILE B 89 28.53 14.85 -13.03
C ILE B 89 29.63 15.87 -13.34
N LYS B 90 30.82 15.67 -12.76
CA LYS B 90 32.00 16.51 -13.03
C LYS B 90 32.40 16.55 -14.51
N ASP B 91 32.09 15.48 -15.26
CA ASP B 91 32.43 15.36 -16.68
C ASP B 91 31.30 15.75 -17.64
N ILE B 92 30.15 16.14 -17.10
CA ILE B 92 29.00 16.56 -17.91
C ILE B 92 29.03 18.09 -18.01
N PRO B 93 29.42 18.64 -19.17
CA PRO B 93 29.67 20.09 -19.25
C PRO B 93 28.49 20.98 -18.88
N TRP B 94 27.29 20.57 -19.28
CA TRP B 94 26.07 21.38 -19.09
C TRP B 94 25.43 21.25 -17.71
N ALA B 95 25.79 20.22 -16.95
CA ALA B 95 25.11 19.89 -15.69
C ALA B 95 25.68 20.69 -14.52
N GLY B 96 24.78 21.22 -13.70
CA GLY B 96 25.15 21.93 -12.47
C GLY B 96 25.08 21.00 -11.26
N ARG B 97 23.95 20.32 -11.10
CA ARG B 97 23.77 19.41 -9.97
C ARG B 97 22.66 18.38 -10.21
N GLN B 98 22.64 17.39 -9.32
CA GLN B 98 21.53 16.43 -9.16
C GLN B 98 21.37 15.46 -10.32
N LEU B 99 22.20 14.41 -10.30
CA LEU B 99 22.11 13.33 -11.27
C LEU B 99 21.04 12.34 -10.83
N TRP B 100 19.83 12.50 -11.41
CA TRP B 100 18.70 11.70 -10.98
C TRP B 100 18.55 10.43 -11.86
N ALA B 101 17.41 9.75 -11.80
CA ALA B 101 17.26 8.39 -12.35
C ALA B 101 17.61 8.28 -13.83
N PRO B 102 18.60 7.42 -14.19
CA PRO B 102 18.98 7.24 -15.59
C PRO B 102 18.28 6.08 -16.27
N ASP B 103 18.42 6.00 -17.59
CA ASP B 103 18.08 4.80 -18.34
C ASP B 103 19.11 4.58 -19.44
N ALA B 104 19.11 3.40 -20.04
CA ALA B 104 20.02 3.10 -21.15
C ALA B 104 19.30 2.44 -22.33
N ALA B 105 19.90 2.60 -23.52
CA ALA B 105 19.48 1.86 -24.70
C ALA B 105 20.69 1.42 -25.49
N SER B 106 20.45 0.43 -26.34
CA SER B 106 21.47 -0.15 -27.22
C SER B 106 20.98 -0.08 -28.65
N LYS B 107 21.84 0.39 -29.56
CA LYS B 107 21.54 0.41 -31.00
C LYS B 107 22.84 0.31 -31.79
N ASP B 108 22.89 -0.66 -32.71
CA ASP B 108 24.00 -0.80 -33.67
C ASP B 108 25.38 -0.78 -32.99
N GLY B 109 25.51 -1.61 -31.95
CA GLY B 109 26.76 -1.77 -31.24
C GLY B 109 27.21 -0.63 -30.34
N LYS B 110 26.32 0.34 -30.07
CA LYS B 110 26.62 1.43 -29.16
C LYS B 110 25.58 1.46 -28.06
N TYR B 111 25.98 1.99 -26.92
CA TYR B 111 25.12 2.09 -25.74
C TYR B 111 24.98 3.54 -25.38
N TYR B 112 23.75 3.93 -25.03
CA TYR B 112 23.41 5.31 -24.78
C TYR B 112 22.82 5.40 -23.39
N LEU B 113 23.43 6.20 -22.54
CA LEU B 113 22.94 6.47 -21.18
C LEU B 113 22.20 7.80 -21.19
N TYR B 114 20.91 7.77 -20.84
CA TYR B 114 20.07 8.95 -20.76
C TYR B 114 19.91 9.34 -19.31
N PHE B 115 20.10 10.62 -18.99
CA PHE B 115 20.11 11.05 -17.59
C PHE B 115 19.53 12.44 -17.40
N PRO B 116 18.73 12.62 -16.34
CA PRO B 116 18.22 13.91 -15.95
C PRO B 116 19.21 14.60 -15.01
N ALA B 117 19.42 15.90 -15.22
CA ALA B 117 20.21 16.72 -14.30
C ALA B 117 19.81 18.18 -14.45
N LYS B 118 20.07 18.97 -13.42
CA LYS B 118 19.81 20.40 -13.50
C LYS B 118 20.95 21.07 -14.23
N ASP B 119 20.59 21.94 -15.16
CA ASP B 119 21.57 22.74 -15.89
C ASP B 119 22.03 23.88 -14.98
N LYS B 120 22.80 24.81 -15.53
CA LYS B 120 23.38 25.87 -14.70
C LYS B 120 22.38 26.97 -14.29
N GLU B 121 21.15 26.93 -14.83
CA GLU B 121 20.03 27.74 -14.34
C GLU B 121 19.08 26.95 -13.40
N ASP B 122 19.52 25.80 -12.88
CA ASP B 122 18.71 24.95 -12.00
C ASP B 122 17.41 24.41 -12.63
N ILE B 123 17.45 24.21 -13.94
CA ILE B 123 16.32 23.67 -14.71
C ILE B 123 16.69 22.24 -15.14
N PHE B 124 15.87 21.27 -14.76
CA PHE B 124 16.09 19.88 -15.16
C PHE B 124 16.01 19.72 -16.68
N ARG B 125 17.01 19.04 -17.24
CA ARG B 125 17.04 18.65 -18.65
C ARG B 125 17.51 17.20 -18.72
N ILE B 126 17.39 16.60 -19.88
CA ILE B 126 17.82 15.22 -20.09
C ILE B 126 18.94 15.22 -21.13
N GLY B 127 20.06 14.60 -20.78
CA GLY B 127 21.21 14.48 -21.67
C GLY B 127 21.50 13.03 -22.03
N VAL B 128 22.44 12.85 -22.95
CA VAL B 128 22.86 11.54 -23.36
C VAL B 128 24.39 11.44 -23.28
N ALA B 129 24.86 10.23 -23.02
CA ALA B 129 26.27 9.89 -23.05
C ALA B 129 26.41 8.55 -23.76
N VAL B 130 27.56 8.33 -24.40
CA VAL B 130 27.72 7.19 -25.32
C VAL B 130 28.91 6.33 -24.94
N SER B 131 28.75 5.01 -25.11
CA SER B 131 29.82 4.05 -24.88
C SER B 131 29.75 2.89 -25.88
N ASP B 132 30.88 2.21 -26.06
CA ASP B 132 30.91 0.95 -26.80
C ASP B 132 30.52 -0.25 -25.94
N SER B 133 30.39 -0.04 -24.63
CA SER B 133 30.09 -1.08 -23.66
C SER B 133 28.82 -0.73 -22.88
N PRO B 134 28.00 -1.75 -22.53
CA PRO B 134 26.84 -1.48 -21.67
C PRO B 134 27.20 -0.96 -20.27
N ALA B 135 28.40 -1.27 -19.79
CA ALA B 135 28.88 -0.79 -18.49
C ALA B 135 29.65 0.53 -18.54
N GLY B 136 29.85 1.09 -19.73
CA GLY B 136 30.57 2.34 -19.87
C GLY B 136 32.08 2.13 -19.78
N PRO B 137 32.83 3.20 -19.44
CA PRO B 137 32.35 4.55 -19.13
C PRO B 137 31.68 5.24 -20.32
N PHE B 138 30.73 6.12 -20.03
CA PHE B 138 29.96 6.83 -21.04
C PHE B 138 30.47 8.25 -21.21
N LYS B 139 30.67 8.66 -22.46
CA LYS B 139 31.15 10.00 -22.78
C LYS B 139 29.94 10.90 -23.04
N PRO B 140 29.75 11.94 -22.22
CA PRO B 140 28.56 12.79 -22.36
C PRO B 140 28.66 13.78 -23.51
N GLU B 141 27.53 14.02 -24.15
CA GLU B 141 27.38 15.13 -25.09
C GLU B 141 27.47 16.44 -24.31
N SER B 142 27.94 17.49 -24.98
CA SER B 142 28.22 18.76 -24.31
C SER B 142 26.95 19.54 -23.92
N GLU B 143 25.84 19.28 -24.61
CA GLU B 143 24.57 19.94 -24.31
C GLU B 143 23.47 18.89 -24.09
N PRO B 144 22.40 19.24 -23.33
CA PRO B 144 21.30 18.29 -23.18
C PRO B 144 20.51 18.13 -24.48
N ILE B 145 19.59 17.16 -24.50
CA ILE B 145 18.79 16.89 -25.68
C ILE B 145 17.88 18.07 -25.94
N LYS B 146 17.94 18.60 -27.16
CA LYS B 146 17.12 19.75 -27.52
C LYS B 146 15.64 19.39 -27.44
N GLY B 147 14.88 20.21 -26.70
CA GLY B 147 13.45 19.98 -26.49
C GLY B 147 13.12 19.08 -25.31
N SER B 148 14.13 18.58 -24.61
CA SER B 148 13.91 17.80 -23.39
C SER B 148 13.74 18.73 -22.20
N TYR B 149 13.16 18.18 -21.15
CA TYR B 149 12.95 18.89 -19.91
C TYR B 149 12.50 17.90 -18.85
N SER B 150 12.47 18.34 -17.60
CA SER B 150 12.05 17.49 -16.48
C SER B 150 12.95 16.26 -16.37
N ILE B 151 12.42 15.15 -15.84
CA ILE B 151 13.24 14.08 -15.29
C ILE B 151 12.83 12.68 -15.76
N ASP B 152 13.51 11.67 -15.23
CA ASP B 152 13.08 10.27 -15.32
C ASP B 152 12.85 9.73 -16.74
N PRO B 153 13.88 9.80 -17.60
CA PRO B 153 13.76 9.19 -18.92
C PRO B 153 13.60 7.67 -18.86
N ALA B 154 12.76 7.13 -19.73
CA ALA B 154 12.72 5.70 -20.01
C ALA B 154 12.74 5.56 -21.52
N VAL B 155 13.78 4.93 -22.05
CA VAL B 155 13.92 4.76 -23.49
C VAL B 155 13.52 3.33 -23.86
N PHE B 156 12.44 3.23 -24.61
CA PHE B 156 11.78 1.96 -24.92
C PHE B 156 11.99 1.62 -26.40
N LYS B 157 12.53 0.43 -26.65
CA LYS B 157 12.66 -0.08 -28.01
C LYS B 157 11.49 -0.99 -28.33
N ASP B 158 10.70 -0.58 -29.32
CA ASP B 158 9.52 -1.34 -29.74
C ASP B 158 9.93 -2.45 -30.73
N ASP B 159 9.01 -3.36 -31.04
CA ASP B 159 9.25 -4.52 -31.92
C ASP B 159 9.65 -4.16 -33.36
N ASP B 160 9.25 -2.97 -33.80
CA ASP B 160 9.58 -2.43 -35.13
C ASP B 160 10.91 -1.64 -35.19
N GLY B 161 11.74 -1.73 -34.15
CA GLY B 161 13.03 -1.03 -34.11
C GLY B 161 12.95 0.46 -33.82
N LYS B 162 11.76 0.98 -33.50
CA LYS B 162 11.62 2.39 -33.15
C LYS B 162 11.91 2.53 -31.65
N TYR B 163 12.60 3.62 -31.29
CA TYR B 163 12.92 3.91 -29.90
C TYR B 163 12.18 5.18 -29.47
N TYR B 164 11.56 5.13 -28.30
CA TYR B 164 10.78 6.23 -27.76
C TYR B 164 11.31 6.61 -26.39
N MET B 165 11.44 7.91 -26.12
CA MET B 165 11.72 8.35 -24.76
C MET B 165 10.43 8.78 -24.09
N TYR B 166 10.10 8.09 -22.99
CA TYR B 166 9.08 8.54 -22.03
C TYR B 166 9.79 9.34 -20.96
N PHE B 167 9.20 10.45 -20.51
CA PHE B 167 9.83 11.26 -19.46
C PHE B 167 8.86 12.14 -18.68
N GLY B 168 9.37 12.68 -17.57
CA GLY B 168 8.64 13.65 -16.78
C GLY B 168 8.56 13.29 -15.31
N GLY B 169 8.50 14.33 -14.49
CA GLY B 169 8.19 14.19 -13.07
C GLY B 169 7.67 15.50 -12.56
N ILE B 170 6.59 15.46 -11.78
CA ILE B 170 6.02 16.68 -11.21
C ILE B 170 6.71 17.04 -9.88
N TRP B 171 6.24 18.10 -9.21
CA TRP B 171 6.83 18.60 -7.97
C TRP B 171 8.31 18.96 -8.22
N GLY B 172 9.25 18.30 -7.56
CA GLY B 172 10.67 18.59 -7.74
C GLY B 172 11.20 18.34 -9.14
N GLY B 173 10.51 17.46 -9.89
CA GLY B 173 10.86 17.19 -11.29
C GLY B 173 10.50 18.27 -12.28
N GLN B 174 9.73 19.28 -11.84
CA GLN B 174 9.45 20.52 -12.60
C GLN B 174 8.52 20.38 -13.81
N LEU B 175 7.93 19.21 -14.05
CA LEU B 175 7.10 19.01 -15.25
C LEU B 175 5.93 19.99 -15.33
N GLN B 176 5.34 20.29 -14.18
CA GLN B 176 4.27 21.29 -14.04
C GLN B 176 4.64 22.71 -14.53
N ARG B 177 5.94 23.02 -14.60
CA ARG B 177 6.43 24.31 -15.08
C ARG B 177 6.66 24.38 -16.60
N TRP B 178 6.28 23.33 -17.34
CA TRP B 178 6.49 23.25 -18.79
C TRP B 178 5.17 23.15 -19.58
N THR B 179 4.08 23.60 -18.98
CA THR B 179 2.76 23.53 -19.61
C THR B 179 2.69 24.26 -20.96
N THR B 180 3.37 25.41 -21.05
CA THR B 180 3.39 26.23 -22.28
C THR B 180 4.45 25.84 -23.31
N GLY B 181 5.31 24.88 -22.99
CA GLY B 181 6.44 24.52 -23.85
C GLY B 181 7.75 25.19 -23.48
N GLU B 182 7.68 26.21 -22.62
CA GLU B 182 8.84 26.91 -22.09
C GLU B 182 8.78 26.90 -20.56
N TYR B 183 9.94 27.01 -19.93
CA TYR B 183 10.03 26.96 -18.46
C TYR B 183 9.34 28.16 -17.83
N ALA B 184 8.38 27.89 -16.94
CA ALA B 184 7.58 28.93 -16.29
C ALA B 184 8.36 29.79 -15.29
N GLY B 185 9.47 29.26 -14.78
CA GLY B 185 10.36 29.99 -13.86
C GLY B 185 10.36 29.36 -12.49
N HIS B 186 11.34 29.72 -11.67
CA HIS B 186 11.51 29.13 -10.33
C HIS B 186 10.45 29.56 -9.32
N ASP B 187 9.71 30.62 -9.62
CA ASP B 187 8.57 31.06 -8.81
C ASP B 187 7.22 30.43 -9.21
N ALA B 188 7.23 29.55 -10.21
CA ALA B 188 6.02 28.87 -10.68
C ALA B 188 5.63 27.72 -9.73
N SER B 189 4.57 26.98 -10.09
CA SER B 189 4.03 25.94 -9.21
C SER B 189 5.12 25.00 -8.70
N LYS B 190 5.07 24.73 -7.40
CA LYS B 190 5.95 23.75 -6.76
C LYS B 190 5.39 22.33 -6.82
N THR B 191 4.15 22.16 -7.29
CA THR B 191 3.50 20.84 -7.29
C THR B 191 2.97 20.45 -8.67
N ASP B 192 1.77 20.91 -9.02
CA ASP B 192 1.09 20.49 -10.25
C ASP B 192 0.35 21.69 -10.86
N LEU B 193 -0.71 21.48 -11.62
CA LEU B 193 -1.47 22.59 -12.22
C LEU B 193 -2.34 23.36 -11.24
N GLU B 194 -2.53 22.82 -10.04
CA GLU B 194 -3.38 23.42 -9.01
C GLU B 194 -4.80 23.64 -9.57
N GLN B 195 -5.27 22.61 -10.27
CA GLN B 195 -6.58 22.55 -10.91
C GLN B 195 -7.05 21.10 -10.79
N ASP B 196 -7.49 20.71 -9.60
CA ASP B 196 -7.84 19.30 -9.32
C ASP B 196 -9.01 18.74 -10.13
N ASP B 197 -9.90 19.61 -10.61
CA ASP B 197 -11.02 19.20 -11.46
C ASP B 197 -10.68 19.09 -12.95
N ALA B 198 -9.47 19.52 -13.33
CA ALA B 198 -8.98 19.40 -14.71
C ALA B 198 -8.15 18.13 -14.87
N PRO B 199 -7.94 17.68 -16.13
CA PRO B 199 -7.07 16.51 -16.34
C PRO B 199 -5.69 16.69 -15.69
N ALA B 200 -5.18 15.62 -15.10
CA ALA B 200 -3.84 15.62 -14.53
C ALA B 200 -2.79 15.79 -15.61
N ILE B 201 -1.62 16.26 -15.19
CA ILE B 201 -0.47 16.37 -16.09
C ILE B 201 -0.12 14.96 -16.56
N GLY B 202 0.14 14.83 -17.85
CA GLY B 202 0.52 13.56 -18.42
C GLY B 202 2.02 13.48 -18.61
N PRO B 203 2.58 12.26 -18.58
CA PRO B 203 3.98 12.13 -18.93
C PRO B 203 4.21 12.44 -20.41
N ARG B 204 5.49 12.59 -20.78
CA ARG B 204 5.85 13.01 -22.12
C ARG B 204 6.44 11.85 -22.90
N ILE B 205 6.31 11.94 -24.23
CA ILE B 205 6.90 10.98 -25.15
C ILE B 205 7.47 11.69 -26.37
N ALA B 206 8.59 11.16 -26.87
CA ALA B 206 9.10 11.52 -28.19
C ALA B 206 9.88 10.38 -28.80
N LEU B 207 9.59 10.09 -30.06
CA LEU B 207 10.40 9.20 -30.88
C LEU B 207 11.83 9.73 -30.94
N MET B 208 12.80 8.83 -30.86
CA MET B 208 14.22 9.18 -30.91
C MET B 208 14.72 9.26 -32.34
N SER B 209 15.71 10.11 -32.57
CA SER B 209 16.40 10.19 -33.85
C SER B 209 17.17 8.90 -34.13
N ASP B 210 17.58 8.72 -35.38
CA ASP B 210 18.33 7.53 -35.76
C ASP B 210 19.65 7.40 -34.99
N ASP B 211 20.33 8.54 -34.77
CA ASP B 211 21.61 8.55 -34.05
C ASP B 211 21.46 8.50 -32.52
N MET B 212 20.22 8.50 -32.02
CA MET B 212 19.90 8.33 -30.59
C MET B 212 20.31 9.50 -29.69
N LEU B 213 20.67 10.64 -30.29
CA LEU B 213 21.10 11.81 -29.54
C LEU B 213 20.06 12.91 -29.46
N SER B 214 18.96 12.76 -30.23
CA SER B 214 17.98 13.81 -30.43
C SER B 214 16.58 13.24 -30.47
N PHE B 215 15.59 14.10 -30.28
CA PHE B 215 14.21 13.75 -30.57
C PHE B 215 13.94 13.89 -32.07
N ALA B 216 13.21 12.92 -32.62
CA ALA B 216 12.82 12.90 -34.05
C ALA B 216 11.55 13.68 -34.38
N GLU B 217 10.78 14.05 -33.35
CA GLU B 217 9.49 14.70 -33.53
C GLU B 217 9.20 15.61 -32.33
N PRO B 218 8.17 16.48 -32.44
CA PRO B 218 7.79 17.25 -31.26
C PRO B 218 7.34 16.37 -30.09
N VAL B 219 7.60 16.83 -28.88
CA VAL B 219 7.20 16.13 -27.67
C VAL B 219 5.67 16.12 -27.57
N LYS B 220 5.11 14.96 -27.22
CA LYS B 220 3.65 14.79 -27.02
C LYS B 220 3.41 14.51 -25.55
N GLU B 221 2.31 15.05 -25.03
CA GLU B 221 1.84 14.72 -23.69
C GLU B 221 0.86 13.55 -23.76
N ILE B 222 1.11 12.52 -22.94
CA ILE B 222 0.32 11.29 -22.95
C ILE B 222 -0.95 11.47 -22.14
N SER B 223 -2.06 10.96 -22.65
CA SER B 223 -3.35 10.96 -21.95
C SER B 223 -3.53 9.65 -21.21
N ILE B 224 -3.73 9.72 -19.89
CA ILE B 224 -4.10 8.55 -19.10
C ILE B 224 -5.56 8.74 -18.70
N VAL B 225 -6.39 7.71 -18.95
CA VAL B 225 -7.83 7.78 -18.71
C VAL B 225 -8.28 6.64 -17.81
N ASP B 226 -9.48 6.77 -17.25
CA ASP B 226 -10.10 5.69 -16.47
C ASP B 226 -10.82 4.72 -17.42
N GLU B 227 -11.42 3.67 -16.87
CA GLU B 227 -12.14 2.68 -17.69
C GLU B 227 -13.34 3.22 -18.46
N GLN B 228 -13.88 4.37 -18.02
CA GLN B 228 -14.94 5.08 -18.74
C GLN B 228 -14.41 5.95 -19.90
N GLY B 229 -13.09 5.99 -20.10
CA GLY B 229 -12.48 6.84 -21.12
C GLY B 229 -12.36 8.29 -20.72
N ASN B 230 -12.56 8.61 -19.44
CA ASN B 230 -12.45 9.98 -18.95
C ASN B 230 -11.04 10.22 -18.40
N PRO B 231 -10.44 11.40 -18.68
CA PRO B 231 -9.11 11.72 -18.16
C PRO B 231 -8.98 11.57 -16.65
N ILE B 232 -7.87 10.98 -16.19
CA ILE B 232 -7.54 10.98 -14.77
C ILE B 232 -7.32 12.45 -14.38
N LEU B 233 -7.96 12.87 -13.29
CA LEU B 233 -7.94 14.28 -12.88
C LEU B 233 -6.80 14.60 -11.94
N GLY B 234 -6.47 15.89 -11.85
CA GLY B 234 -5.41 16.39 -10.95
C GLY B 234 -5.57 16.00 -9.50
N GLY B 235 -6.81 16.01 -9.00
CA GLY B 235 -7.10 15.63 -7.62
C GLY B 235 -7.00 14.15 -7.28
N ASP B 236 -6.90 13.28 -8.30
CA ASP B 236 -6.93 11.84 -8.13
C ASP B 236 -5.49 11.35 -7.88
N HIS B 237 -4.96 11.67 -6.71
CA HIS B 237 -3.54 11.37 -6.38
C HIS B 237 -3.22 9.89 -6.29
N ASP B 238 -4.22 9.04 -6.07
CA ASP B 238 -3.98 7.60 -6.06
C ASP B 238 -3.66 7.05 -7.45
N ARG B 239 -4.08 7.75 -8.51
CA ARG B 239 -3.93 7.23 -9.87
C ARG B 239 -3.13 8.09 -10.84
N ARG B 240 -3.04 9.40 -10.59
CA ARG B 240 -2.40 10.31 -11.54
C ARG B 240 -0.88 10.20 -11.54
N PHE B 241 -0.30 10.46 -12.72
CA PHE B 241 1.15 10.39 -12.92
C PHE B 241 1.94 11.34 -12.04
N PHE B 242 2.98 10.83 -11.37
CA PHE B 242 3.89 11.69 -10.60
C PHE B 242 5.30 11.67 -11.19
N GLU B 243 5.90 10.49 -11.33
CA GLU B 243 7.25 10.35 -11.88
C GLU B 243 7.49 8.90 -12.30
N ALA B 244 8.71 8.59 -12.74
CA ALA B 244 9.14 7.21 -12.98
C ALA B 244 8.32 6.45 -14.04
N ALA B 245 8.08 7.08 -15.19
CA ALA B 245 7.43 6.37 -16.32
C ALA B 245 8.27 5.18 -16.77
N TRP B 246 7.59 4.10 -17.12
CA TRP B 246 8.22 2.92 -17.72
C TRP B 246 7.25 2.30 -18.72
N MET B 247 7.80 1.80 -19.84
CA MET B 247 7.02 1.14 -20.87
C MET B 247 7.53 -0.27 -21.04
N HIS B 248 6.62 -1.21 -21.10
CA HIS B 248 6.93 -2.55 -21.57
C HIS B 248 5.73 -3.11 -22.32
N LYS B 249 6.01 -4.14 -23.12
CA LYS B 249 5.05 -4.72 -24.02
C LYS B 249 4.86 -6.19 -23.68
N TYR B 250 3.62 -6.63 -23.56
CA TYR B 250 3.31 -8.03 -23.26
C TYR B 250 2.10 -8.48 -24.08
N ASN B 251 2.28 -9.55 -24.86
CA ASN B 251 1.25 -10.08 -25.77
C ASN B 251 0.57 -8.97 -26.59
N GLY B 252 1.39 -8.09 -27.16
CA GLY B 252 0.91 -7.03 -28.04
C GLY B 252 0.40 -5.76 -27.39
N THR B 253 0.22 -5.77 -26.06
CA THR B 253 -0.34 -4.62 -25.35
C THR B 253 0.80 -3.79 -24.76
N TYR B 254 0.65 -2.47 -24.79
CA TYR B 254 1.62 -1.52 -24.25
C TYR B 254 1.22 -1.17 -22.82
N TYR B 255 2.15 -1.36 -21.88
CA TYR B 255 1.91 -1.13 -20.46
C TYR B 255 2.72 0.08 -20.00
N LEU B 256 2.03 1.18 -19.73
CA LEU B 256 2.66 2.36 -19.15
C LEU B 256 2.51 2.27 -17.64
N SER B 257 3.63 2.13 -16.94
CA SER B 257 3.63 2.10 -15.48
C SER B 257 4.40 3.31 -14.96
N TYR B 258 4.08 3.69 -13.72
CA TYR B 258 4.64 4.91 -13.13
C TYR B 258 4.39 4.99 -11.64
N SER B 259 5.14 5.87 -10.99
CA SER B 259 4.95 6.19 -9.59
C SER B 259 3.90 7.29 -9.43
N THR B 260 3.08 7.16 -8.38
CA THR B 260 2.11 8.19 -8.01
C THR B 260 2.63 9.15 -6.91
N GLY B 261 3.88 8.97 -6.47
CA GLY B 261 4.54 9.97 -5.62
C GLY B 261 4.00 10.07 -4.21
N ASP B 262 3.21 11.13 -3.94
CA ASP B 262 2.69 11.34 -2.58
C ASP B 262 1.74 10.26 -2.06
N THR B 263 1.21 9.41 -2.96
CA THR B 263 0.44 8.23 -2.57
C THR B 263 1.21 6.90 -2.66
N HIS B 264 2.45 6.95 -3.16
CA HIS B 264 3.46 5.91 -2.97
C HIS B 264 3.21 4.57 -3.67
N TYR B 265 2.44 4.59 -4.76
CA TYR B 265 2.20 3.38 -5.53
C TYR B 265 3.00 3.38 -6.82
N ILE B 266 3.35 2.18 -7.30
CA ILE B 266 3.55 1.98 -8.71
C ILE B 266 2.24 1.46 -9.27
N VAL B 267 1.71 2.15 -10.28
CA VAL B 267 0.46 1.77 -10.94
C VAL B 267 0.72 1.56 -12.43
N TYR B 268 -0.27 1.06 -13.16
CA TYR B 268 -0.14 0.92 -14.60
C TYR B 268 -1.43 1.16 -15.37
N ALA B 269 -1.25 1.45 -16.65
CA ALA B 269 -2.32 1.70 -17.58
C ALA B 269 -1.92 1.08 -18.90
N THR B 270 -2.91 0.62 -19.68
CA THR B 270 -2.65 -0.13 -20.91
C THR B 270 -3.20 0.57 -22.15
N GLY B 271 -2.52 0.36 -23.28
CA GLY B 271 -2.90 0.93 -24.56
C GLY B 271 -2.46 0.04 -25.72
N ASP B 272 -2.82 0.44 -26.94
CA ASP B 272 -2.54 -0.36 -28.14
C ASP B 272 -1.42 0.20 -29.04
N ASN B 273 -0.79 1.29 -28.61
CA ASN B 273 0.34 1.89 -29.32
C ASN B 273 1.20 2.66 -28.32
N PRO B 274 2.43 3.05 -28.72
CA PRO B 274 3.32 3.77 -27.79
C PRO B 274 2.79 5.08 -27.22
N TYR B 275 1.95 5.80 -27.98
CA TYR B 275 1.48 7.13 -27.61
C TYR B 275 0.21 7.13 -26.75
N GLY B 276 -0.44 5.97 -26.62
CA GLY B 276 -1.70 5.89 -25.90
C GLY B 276 -2.88 6.43 -26.72
N PRO B 277 -3.97 6.85 -26.04
CA PRO B 277 -4.12 6.95 -24.58
C PRO B 277 -4.05 5.63 -23.85
N PHE B 278 -3.72 5.70 -22.57
CA PHE B 278 -3.58 4.53 -21.71
C PHE B 278 -4.70 4.50 -20.69
N THR B 279 -5.31 3.33 -20.52
CA THR B 279 -6.43 3.14 -19.61
C THR B 279 -5.89 2.59 -18.30
N TYR B 280 -6.11 3.32 -17.22
CA TYR B 280 -5.68 2.90 -15.87
C TYR B 280 -6.25 1.53 -15.54
N ARG B 281 -5.41 0.63 -15.04
CA ARG B 281 -5.82 -0.73 -14.67
C ARG B 281 -5.70 -1.03 -13.18
N GLY B 282 -4.56 -0.72 -12.58
CA GLY B 282 -4.40 -0.99 -11.15
C GLY B 282 -2.99 -0.82 -10.65
N VAL B 283 -2.74 -1.38 -9.47
CA VAL B 283 -1.48 -1.22 -8.75
C VAL B 283 -0.52 -2.36 -9.13
N ILE B 284 0.73 -1.99 -9.42
CA ILE B 284 1.81 -2.96 -9.59
C ILE B 284 2.49 -3.24 -8.25
N LEU B 285 2.86 -2.18 -7.54
CA LEU B 285 3.63 -2.28 -6.30
C LEU B 285 3.11 -1.32 -5.25
N ASN B 286 2.75 -1.88 -4.10
CA ASN B 286 2.27 -1.12 -2.96
C ASN B 286 3.42 -0.35 -2.28
N PRO B 287 3.10 0.56 -1.35
CA PRO B 287 4.17 1.42 -0.82
C PRO B 287 5.24 0.67 -0.08
N VAL B 288 6.46 1.18 -0.20
CA VAL B 288 7.63 0.57 0.40
C VAL B 288 8.07 1.39 1.60
N ILE B 289 9.14 0.92 2.25
CA ILE B 289 9.84 1.72 3.26
C ILE B 289 10.50 2.92 2.57
N GLY B 290 10.25 4.12 3.07
CA GLY B 290 10.76 5.36 2.47
C GLY B 290 9.77 5.97 1.50
N TRP B 291 9.88 7.28 1.30
CA TRP B 291 8.87 8.04 0.55
C TRP B 291 8.75 7.63 -0.91
N THR B 292 9.89 7.43 -1.58
CA THR B 292 9.87 7.19 -3.02
C THR B 292 9.56 5.73 -3.35
N ASN B 293 9.07 5.53 -4.57
CA ASN B 293 8.80 4.22 -5.11
C ASN B 293 9.17 4.29 -6.58
N HIS B 294 10.08 3.44 -7.03
CA HIS B 294 10.60 3.51 -8.40
C HIS B 294 11.00 2.13 -8.85
N HIS B 295 10.68 1.82 -10.11
CA HIS B 295 10.71 0.44 -10.58
C HIS B 295 11.14 0.32 -12.03
N SER B 296 11.40 -0.91 -12.45
CA SER B 296 11.32 -1.26 -13.87
C SER B 296 10.84 -2.71 -14.00
N ILE B 297 10.37 -3.04 -15.20
CA ILE B 297 9.78 -4.33 -15.52
C ILE B 297 10.51 -4.88 -16.75
N VAL B 298 11.08 -6.06 -16.61
CA VAL B 298 11.91 -6.64 -17.67
C VAL B 298 11.67 -8.14 -17.79
N GLU B 299 11.73 -8.65 -19.02
CA GLU B 299 11.69 -10.09 -19.28
C GLU B 299 13.10 -10.63 -19.43
N PHE B 300 13.39 -11.72 -18.73
CA PHE B 300 14.69 -12.38 -18.82
C PHE B 300 14.54 -13.89 -18.70
N ASN B 301 15.02 -14.62 -19.72
CA ASN B 301 14.90 -16.08 -19.80
C ASN B 301 13.44 -16.56 -19.61
N GLY B 302 12.52 -15.87 -20.28
CA GLY B 302 11.12 -16.25 -20.28
C GLY B 302 10.29 -15.90 -19.05
N LYS B 303 10.88 -15.22 -18.07
CA LYS B 303 10.18 -14.81 -16.84
C LYS B 303 10.22 -13.29 -16.75
N TRP B 304 9.18 -12.71 -16.16
CA TRP B 304 9.12 -11.27 -15.97
C TRP B 304 9.51 -10.90 -14.53
N TYR B 305 10.24 -9.78 -14.40
CA TYR B 305 10.74 -9.34 -13.11
C TYR B 305 10.41 -7.88 -12.87
N LEU B 306 10.13 -7.55 -11.61
CA LEU B 306 9.97 -6.19 -11.14
C LEU B 306 11.19 -5.82 -10.31
N PHE B 307 12.02 -4.91 -10.83
CA PHE B 307 13.07 -4.28 -10.03
C PHE B 307 12.47 -3.06 -9.34
N TYR B 308 12.83 -2.85 -8.08
CA TYR B 308 12.31 -1.72 -7.31
C TYR B 308 13.32 -1.36 -6.23
N HIS B 309 12.97 -0.41 -5.37
CA HIS B 309 13.84 -0.07 -4.23
C HIS B 309 13.06 0.19 -2.97
N ASP B 310 13.79 0.26 -1.86
CA ASP B 310 13.25 0.81 -0.63
C ASP B 310 14.37 1.39 0.23
N SER B 311 14.00 1.93 1.39
CA SER B 311 14.96 2.54 2.31
C SER B 311 15.31 1.61 3.49
N SER B 312 15.23 0.30 3.28
CA SER B 312 15.40 -0.68 4.36
C SER B 312 16.85 -0.77 4.86
N LEU B 313 17.80 -0.74 3.93
CA LEU B 313 19.22 -0.86 4.30
C LEU B 313 19.72 0.29 5.17
N SER B 314 19.22 1.50 4.92
CA SER B 314 19.58 2.68 5.70
C SER B 314 18.77 2.89 7.00
N GLY B 315 17.90 1.93 7.33
CA GLY B 315 17.00 2.05 8.47
C GLY B 315 15.89 3.05 8.23
N GLY B 316 15.52 3.27 6.97
CA GLY B 316 14.37 4.11 6.63
C GLY B 316 14.66 5.54 6.19
N LYS B 317 15.90 5.86 5.85
CA LYS B 317 16.22 7.21 5.34
C LYS B 317 15.77 7.31 3.88
N THR B 318 14.93 8.30 3.58
N THR B 318 14.92 8.30 3.59
CA THR B 318 14.30 8.40 2.26
C THR B 318 15.32 8.49 1.10
N HIS B 319 16.45 9.14 1.33
CA HIS B 319 17.45 9.41 0.28
C HIS B 319 18.62 8.40 0.26
N LEU B 320 18.56 7.35 1.08
CA LEU B 320 19.58 6.32 1.08
C LEU B 320 18.89 4.98 0.88
N ARG B 321 18.77 4.59 -0.38
CA ARG B 321 17.95 3.45 -0.76
C ARG B 321 18.77 2.23 -1.14
N CYS B 322 18.08 1.13 -1.39
CA CYS B 322 18.69 -0.09 -1.92
C CYS B 322 17.73 -0.77 -2.89
N ILE B 323 18.26 -1.25 -4.01
CA ILE B 323 17.45 -1.93 -5.02
C ILE B 323 17.21 -3.40 -4.68
N LYS B 324 16.06 -3.89 -5.14
CA LYS B 324 15.59 -5.24 -4.91
C LYS B 324 14.89 -5.73 -6.19
N VAL B 325 14.58 -7.03 -6.24
CA VAL B 325 13.87 -7.61 -7.37
C VAL B 325 12.92 -8.72 -6.91
N THR B 326 11.82 -8.86 -7.64
CA THR B 326 10.91 -9.98 -7.45
C THR B 326 10.25 -10.35 -8.77
N GLU B 327 9.72 -11.56 -8.84
CA GLU B 327 8.99 -12.01 -10.04
C GLU B 327 7.69 -11.24 -10.18
N LEU B 328 7.36 -10.89 -11.42
CA LEU B 328 6.10 -10.25 -11.76
C LEU B 328 5.28 -11.20 -12.62
N THR B 329 3.97 -11.21 -12.39
CA THR B 329 3.06 -12.15 -13.07
C THR B 329 2.00 -11.40 -13.85
N HIS B 330 1.98 -11.65 -15.16
CA HIS B 330 0.88 -11.23 -16.01
C HIS B 330 -0.17 -12.33 -15.99
N ASN B 331 -1.40 -11.96 -15.70
CA ASN B 331 -2.51 -12.92 -15.70
C ASN B 331 -3.01 -13.17 -17.12
N ALA B 332 -3.85 -14.19 -17.25
CA ALA B 332 -4.44 -14.58 -18.55
C ALA B 332 -5.23 -13.45 -19.23
N ASP B 333 -5.92 -12.62 -18.43
CA ASP B 333 -6.66 -11.47 -18.95
C ASP B 333 -5.81 -10.22 -19.26
N GLY B 334 -4.48 -10.33 -19.11
CA GLY B 334 -3.58 -9.22 -19.41
C GLY B 334 -3.30 -8.28 -18.25
N THR B 335 -3.98 -8.46 -17.11
CA THR B 335 -3.69 -7.65 -15.92
C THR B 335 -2.43 -8.16 -15.24
N ILE B 336 -1.84 -7.33 -14.37
CA ILE B 336 -0.64 -7.68 -13.62
C ILE B 336 -1.04 -7.88 -12.15
N GLU B 337 -0.54 -8.95 -11.54
CA GLU B 337 -0.81 -9.24 -10.12
C GLU B 337 -0.07 -8.24 -9.26
N THR B 338 -0.80 -7.60 -8.35
CA THR B 338 -0.21 -6.60 -7.45
C THR B 338 0.78 -7.27 -6.51
N ILE B 339 1.92 -6.61 -6.30
CA ILE B 339 2.95 -7.07 -5.39
C ILE B 339 2.91 -6.17 -4.16
N SER B 340 2.92 -6.81 -2.98
CA SER B 340 3.09 -6.11 -1.71
C SER B 340 4.46 -6.50 -1.18
N PRO B 341 5.36 -5.52 -0.95
CA PRO B 341 6.79 -5.80 -0.75
C PRO B 341 7.19 -6.63 0.46
N TYR B 342 6.42 -6.62 1.54
CA TYR B 342 6.86 -7.22 2.82
C TYR B 342 5.90 -8.30 3.33
N ILE B 343 5.37 -9.09 2.39
CA ILE B 343 4.47 -10.18 2.73
C ILE B 343 5.02 -11.48 2.14
N GLU B 344 5.48 -12.37 3.03
CA GLU B 344 5.64 -13.82 2.73
C GLU B 344 6.00 -14.60 3.98
#